data_3OWG
#
_entry.id   3OWG
#
_cell.length_a   80.128
_cell.length_b   161.290
_cell.length_c   97.672
_cell.angle_alpha   90.00
_cell.angle_beta   90.00
_cell.angle_gamma   90.00
#
_symmetry.space_group_name_H-M   'P 21 21 2'
#
_entity_poly.entity_id   1
_entity_poly.type   'polypeptide(L)'
_entity_poly.pdbx_seq_one_letter_code
;HHHHHHMNRNPDQNTLPNITLKIIETYLGRVPSVNEYHMLKSQARNIQKITVFNKDIFVSLVKKNKKRFFSDVNTSASEI
KDRILSYFSKQTQTYNIGKLFTIIELQSVLVTTYTDILGVLTIKAPNVISSKISYNVTSMEELARDMLNSMNVAVIDKAK
VMGRHNVSSLVKNVNKLMEEYLRRHNKSCICYGSYSLYLINPNIRYGDIDILQTNSRTFLIDLAFLIKFITGNNIILSKI
PYLRNYMVIKDENDNHIIDSFNIRQDTMNVVPKIFIDNIYIVDPTFQLLNMIKMFSQIDRLEDLSKDPEKFNARMATMLE
YVRYTHGIVFDGKRNNMPMKCIIDENNRIVTVTTKDYFSFKKCLVYLDENVLSSDILDLNADTSCDFESVTNSVYLIHDN
IMYTYFSNTILLSDKGKVHEISARGLCAHILLYQMLTSGEYKQCLSDLLNSMMNRDKIPIYSHTERDKKPGRHGFINIEK
DIIVF
;
_entity_poly.pdbx_strand_id   A,B
#
# COMPACT_ATOMS: atom_id res chain seq x y z
N ASN A 18 -9.63 50.38 -36.60
CA ASN A 18 -8.51 49.41 -36.62
C ASN A 18 -8.93 48.01 -36.14
N ILE A 19 -8.65 46.99 -36.96
CA ILE A 19 -8.99 45.61 -36.61
C ILE A 19 -8.49 45.35 -35.19
N THR A 20 -7.26 45.78 -34.92
CA THR A 20 -6.68 45.60 -33.60
C THR A 20 -7.55 46.25 -32.55
N LEU A 21 -7.89 47.52 -32.76
CA LEU A 21 -8.72 48.25 -31.81
C LEU A 21 -10.04 47.54 -31.58
N LYS A 22 -10.64 47.04 -32.65
CA LYS A 22 -11.91 46.35 -32.55
C LYS A 22 -11.75 45.06 -31.75
N ILE A 23 -10.57 44.47 -31.75
CA ILE A 23 -10.33 43.24 -30.99
C ILE A 23 -10.22 43.58 -29.52
N ILE A 24 -9.37 44.53 -29.21
CA ILE A 24 -9.19 44.94 -27.84
C ILE A 24 -10.55 45.35 -27.28
N GLU A 25 -11.28 46.19 -28.03
CA GLU A 25 -12.60 46.68 -27.62
C GLU A 25 -13.61 45.56 -27.34
N THR A 26 -13.60 44.54 -28.19
CA THR A 26 -14.48 43.40 -28.03
C THR A 26 -14.21 42.79 -26.68
N TYR A 27 -12.96 42.36 -26.50
CA TYR A 27 -12.47 41.72 -25.28
C TYR A 27 -12.74 42.50 -24.01
N LEU A 28 -12.28 43.75 -23.96
CA LEU A 28 -12.49 44.57 -22.77
C LEU A 28 -13.93 45.03 -22.58
N GLY A 29 -14.79 44.74 -23.57
CA GLY A 29 -16.17 45.16 -23.51
C GLY A 29 -16.31 46.65 -23.22
N ARG A 30 -15.42 47.45 -23.81
CA ARG A 30 -15.42 48.90 -23.60
C ARG A 30 -14.43 49.58 -24.55
N VAL A 31 -14.54 50.88 -24.71
CA VAL A 31 -13.63 51.55 -25.62
C VAL A 31 -12.25 51.69 -25.01
N PRO A 32 -11.28 50.97 -25.56
CA PRO A 32 -9.89 50.97 -25.09
C PRO A 32 -9.23 52.34 -24.96
N SER A 33 -8.72 52.62 -23.75
CA SER A 33 -8.03 53.87 -23.44
C SER A 33 -6.82 54.01 -24.37
N VAL A 34 -6.21 55.18 -24.38
CA VAL A 34 -5.04 55.35 -25.22
C VAL A 34 -3.94 54.42 -24.71
N ASN A 35 -3.91 54.22 -23.40
CA ASN A 35 -2.90 53.37 -22.77
C ASN A 35 -3.23 51.89 -22.96
N GLU A 36 -4.51 51.55 -22.80
CA GLU A 36 -4.94 50.17 -22.95
C GLU A 36 -4.63 49.72 -24.35
N TYR A 37 -4.68 50.62 -25.32
CA TYR A 37 -4.37 50.23 -26.69
C TYR A 37 -2.84 50.07 -26.78
N HIS A 38 -2.11 51.06 -26.29
CA HIS A 38 -0.66 51.02 -26.36
C HIS A 38 -0.04 49.82 -25.68
N MET A 39 -0.60 49.42 -24.54
CA MET A 39 -0.10 48.28 -23.79
C MET A 39 -0.62 46.91 -24.24
N LEU A 40 -1.71 46.88 -25.01
CA LEU A 40 -2.24 45.59 -25.41
C LEU A 40 -2.12 45.22 -26.89
N LYS A 41 -1.64 46.15 -27.73
CA LYS A 41 -1.48 45.90 -29.17
C LYS A 41 -0.88 44.56 -29.50
N SER A 42 0.38 44.39 -29.11
CA SER A 42 1.13 43.19 -29.39
C SER A 42 0.39 41.91 -29.04
N GLN A 43 -0.59 42.01 -28.18
CA GLN A 43 -1.32 40.81 -27.82
C GLN A 43 -2.66 40.57 -28.52
N ALA A 44 -2.89 41.27 -29.64
CA ALA A 44 -4.12 41.13 -30.42
C ALA A 44 -4.25 39.68 -30.90
N ARG A 45 -3.13 39.12 -31.34
CA ARG A 45 -3.10 37.74 -31.83
C ARG A 45 -3.70 36.81 -30.78
N ASN A 46 -3.14 36.80 -29.58
CA ASN A 46 -3.65 35.95 -28.51
C ASN A 46 -5.03 36.36 -28.04
N ILE A 47 -5.23 37.66 -27.84
CA ILE A 47 -6.51 38.19 -27.41
C ILE A 47 -7.64 37.75 -28.36
N GLN A 48 -7.42 37.84 -29.66
CA GLN A 48 -8.45 37.41 -30.60
C GLN A 48 -8.78 35.92 -30.40
N LYS A 49 -7.76 35.07 -30.37
CA LYS A 49 -7.99 33.65 -30.18
C LYS A 49 -8.87 33.43 -28.98
N ILE A 50 -8.73 34.28 -27.97
CA ILE A 50 -9.52 34.15 -26.75
C ILE A 50 -10.98 34.44 -27.04
N THR A 51 -11.22 35.57 -27.68
CA THR A 51 -12.57 35.97 -28.01
C THR A 51 -13.32 34.88 -28.77
N VAL A 52 -12.65 34.28 -29.74
CA VAL A 52 -13.22 33.24 -30.59
C VAL A 52 -13.38 31.90 -29.87
N PHE A 53 -12.66 31.70 -28.77
CA PHE A 53 -12.74 30.44 -28.02
C PHE A 53 -14.18 30.01 -27.72
N ASN A 54 -14.49 28.76 -28.03
CA ASN A 54 -15.82 28.22 -27.78
C ASN A 54 -15.89 27.82 -26.32
N LYS A 55 -16.48 28.71 -25.52
CA LYS A 55 -16.60 28.47 -24.08
C LYS A 55 -17.61 27.39 -23.71
N ASP A 56 -18.44 26.98 -24.66
CA ASP A 56 -19.41 25.92 -24.38
C ASP A 56 -18.75 24.56 -24.40
N ILE A 57 -18.16 24.19 -25.55
CA ILE A 57 -17.46 22.91 -25.65
C ILE A 57 -16.50 22.78 -24.48
N PHE A 58 -16.02 23.94 -23.99
CA PHE A 58 -15.08 24.00 -22.87
C PHE A 58 -15.81 23.60 -21.60
N VAL A 59 -16.85 24.36 -21.29
CA VAL A 59 -17.67 24.14 -20.09
C VAL A 59 -18.07 22.68 -20.01
N SER A 60 -18.07 22.03 -21.17
CA SER A 60 -18.40 20.61 -21.32
C SER A 60 -17.29 19.81 -20.69
N LEU A 61 -16.09 20.01 -21.20
CA LEU A 61 -14.91 19.29 -20.74
C LEU A 61 -14.66 19.44 -19.25
N VAL A 62 -14.93 20.62 -18.72
CA VAL A 62 -14.73 20.85 -17.30
C VAL A 62 -15.68 19.98 -16.49
N LYS A 63 -16.90 19.81 -17.00
CA LYS A 63 -17.89 18.98 -16.31
C LYS A 63 -17.62 17.49 -16.56
N LYS A 64 -17.04 17.16 -17.72
CA LYS A 64 -16.71 15.75 -18.05
C LYS A 64 -15.51 15.29 -17.21
N ASN A 65 -14.87 16.25 -16.56
CA ASN A 65 -13.74 15.98 -15.69
C ASN A 65 -14.25 15.99 -14.25
N LYS A 66 -15.28 16.81 -14.00
CA LYS A 66 -15.89 16.90 -12.68
C LYS A 66 -16.45 15.52 -12.26
N LYS A 67 -17.39 14.99 -13.05
CA LYS A 67 -18.01 13.69 -12.75
C LYS A 67 -17.04 12.54 -13.03
N ARG A 68 -15.82 12.88 -13.43
CA ARG A 68 -14.81 11.88 -13.75
C ARG A 68 -13.75 11.73 -12.67
N PHE A 69 -13.41 12.82 -12.00
CA PHE A 69 -12.38 12.75 -10.96
C PHE A 69 -12.74 13.50 -9.69
N PHE A 70 -13.81 14.30 -9.75
CA PHE A 70 -14.25 15.06 -8.59
C PHE A 70 -15.75 14.86 -8.42
N SER A 71 -16.22 13.73 -8.95
CA SER A 71 -17.63 13.38 -8.88
C SER A 71 -18.16 13.55 -7.47
N ASP A 72 -17.24 13.62 -6.51
CA ASP A 72 -17.62 13.77 -5.10
C ASP A 72 -17.78 15.21 -4.64
N VAL A 73 -18.30 16.09 -5.51
CA VAL A 73 -18.46 17.48 -5.09
C VAL A 73 -19.80 18.14 -5.43
N ASN A 74 -20.26 18.96 -4.49
CA ASN A 74 -21.51 19.72 -4.59
C ASN A 74 -21.45 20.81 -5.63
N THR A 75 -21.85 20.52 -6.86
CA THR A 75 -21.83 21.56 -7.89
C THR A 75 -22.68 21.26 -9.12
N SER A 76 -23.54 22.22 -9.44
CA SER A 76 -24.43 22.15 -10.59
C SER A 76 -23.65 22.45 -11.87
N ALA A 77 -24.08 21.85 -12.98
CA ALA A 77 -23.42 22.08 -14.26
C ALA A 77 -23.60 23.55 -14.67
N SER A 78 -24.11 24.35 -13.73
CA SER A 78 -24.34 25.78 -13.94
C SER A 78 -23.37 26.60 -13.10
N GLU A 79 -23.23 26.22 -11.84
CA GLU A 79 -22.32 26.89 -10.91
C GLU A 79 -20.93 26.94 -11.54
N ILE A 80 -20.60 25.88 -12.27
CA ILE A 80 -19.33 25.76 -12.96
C ILE A 80 -19.25 26.69 -14.17
N LYS A 81 -20.21 26.55 -15.10
CA LYS A 81 -20.25 27.38 -16.29
C LYS A 81 -20.30 28.85 -15.87
N ASP A 82 -20.85 29.09 -14.69
CA ASP A 82 -20.98 30.43 -14.12
C ASP A 82 -19.61 31.00 -13.76
N ARG A 83 -18.76 30.18 -13.13
CA ARG A 83 -17.42 30.61 -12.75
C ARG A 83 -16.59 30.78 -14.01
N ILE A 84 -16.71 29.82 -14.91
CA ILE A 84 -15.99 29.83 -16.17
C ILE A 84 -16.32 31.07 -16.99
N LEU A 85 -17.60 31.32 -17.24
CA LEU A 85 -18.00 32.49 -18.01
C LEU A 85 -17.60 33.83 -17.36
N SER A 86 -17.54 33.84 -16.02
CA SER A 86 -17.16 35.04 -15.28
C SER A 86 -15.69 35.30 -15.55
N TYR A 87 -14.89 34.24 -15.45
CA TYR A 87 -13.46 34.40 -15.67
C TYR A 87 -13.18 34.91 -17.08
N PHE A 88 -13.83 34.31 -18.06
CA PHE A 88 -13.61 34.74 -19.42
C PHE A 88 -14.21 36.11 -19.70
N SER A 89 -14.62 36.80 -18.65
CA SER A 89 -15.22 38.14 -18.76
C SER A 89 -14.66 39.11 -17.72
N LYS A 90 -13.77 38.62 -16.86
CA LYS A 90 -13.25 39.47 -15.81
C LYS A 90 -12.35 40.54 -16.34
N GLN A 91 -11.95 40.39 -17.60
CA GLN A 91 -11.08 41.38 -18.22
C GLN A 91 -11.85 42.68 -18.45
N THR A 92 -13.15 42.64 -18.16
CA THR A 92 -13.99 43.81 -18.33
C THR A 92 -13.93 44.65 -17.06
N GLN A 93 -14.08 43.99 -15.93
CA GLN A 93 -14.05 44.68 -14.65
C GLN A 93 -12.63 44.86 -14.14
N THR A 94 -11.68 44.98 -15.05
CA THR A 94 -10.30 45.16 -14.66
C THR A 94 -9.70 46.34 -15.40
N TYR A 95 -9.00 47.20 -14.68
CA TYR A 95 -8.39 48.35 -15.33
C TYR A 95 -6.89 48.40 -15.16
N ASN A 96 -6.40 47.66 -14.16
CA ASN A 96 -4.97 47.60 -13.91
C ASN A 96 -4.34 46.87 -15.08
N ILE A 97 -3.44 47.57 -15.78
CA ILE A 97 -2.74 47.00 -16.93
C ILE A 97 -2.20 45.63 -16.56
N GLY A 98 -1.29 45.65 -15.58
CA GLY A 98 -0.64 44.46 -15.09
C GLY A 98 -1.56 43.28 -14.89
N LYS A 99 -2.69 43.51 -14.21
CA LYS A 99 -3.65 42.45 -13.93
C LYS A 99 -4.36 41.96 -15.18
N LEU A 100 -4.47 42.85 -16.18
CA LEU A 100 -5.09 42.48 -17.44
C LEU A 100 -4.13 41.53 -18.12
N PHE A 101 -2.83 41.82 -18.03
CA PHE A 101 -1.80 40.97 -18.62
C PHE A 101 -1.89 39.54 -18.12
N THR A 102 -2.17 39.40 -16.84
CA THR A 102 -2.25 38.07 -16.25
C THR A 102 -3.44 37.31 -16.77
N ILE A 103 -4.59 37.97 -16.77
CA ILE A 103 -5.81 37.36 -17.29
C ILE A 103 -5.57 36.89 -18.72
N ILE A 104 -4.97 37.73 -19.56
CA ILE A 104 -4.69 37.35 -20.94
C ILE A 104 -3.77 36.12 -20.96
N GLU A 105 -2.71 36.18 -20.16
CA GLU A 105 -1.75 35.11 -20.09
C GLU A 105 -2.36 33.79 -19.68
N LEU A 106 -3.12 33.80 -18.59
CA LEU A 106 -3.72 32.57 -18.11
C LEU A 106 -4.88 32.12 -19.00
N GLN A 107 -5.58 33.06 -19.61
CA GLN A 107 -6.67 32.71 -20.50
C GLN A 107 -6.10 32.02 -21.71
N SER A 108 -4.98 32.54 -22.24
CA SER A 108 -4.36 31.97 -23.43
C SER A 108 -3.97 30.54 -23.19
N VAL A 109 -3.36 30.30 -22.04
CA VAL A 109 -2.94 28.97 -21.74
C VAL A 109 -4.14 28.06 -21.78
N LEU A 110 -5.22 28.50 -21.15
CA LEU A 110 -6.41 27.68 -21.13
C LEU A 110 -6.86 27.44 -22.57
N VAL A 111 -7.14 28.52 -23.28
CA VAL A 111 -7.61 28.44 -24.66
C VAL A 111 -6.76 27.59 -25.60
N THR A 112 -5.45 27.68 -25.50
CA THR A 112 -4.57 26.94 -26.39
C THR A 112 -4.06 25.59 -25.89
N THR A 113 -4.31 25.24 -24.64
CA THR A 113 -3.81 23.98 -24.13
C THR A 113 -4.78 23.10 -23.36
N TYR A 114 -5.78 23.71 -22.71
CA TYR A 114 -6.68 22.90 -21.90
C TYR A 114 -7.12 21.61 -22.58
N THR A 115 -7.74 21.76 -23.76
CA THR A 115 -8.23 20.61 -24.50
C THR A 115 -7.19 19.53 -24.73
N ASP A 116 -6.02 19.93 -25.18
CA ASP A 116 -4.98 18.96 -25.44
C ASP A 116 -4.40 18.31 -24.19
N ILE A 117 -4.57 18.95 -23.04
CA ILE A 117 -4.03 18.42 -21.79
C ILE A 117 -5.04 17.74 -20.82
N LEU A 118 -6.10 18.43 -20.45
CA LEU A 118 -7.08 17.83 -19.55
C LEU A 118 -8.30 17.36 -20.31
N GLY A 119 -8.50 17.95 -21.47
CA GLY A 119 -9.63 17.57 -22.28
C GLY A 119 -9.49 16.14 -22.79
N VAL A 120 -8.26 15.70 -23.05
CA VAL A 120 -8.00 14.37 -23.57
C VAL A 120 -8.38 13.30 -22.54
N LEU A 121 -8.68 13.74 -21.33
CA LEU A 121 -9.06 12.84 -20.24
C LEU A 121 -10.56 12.55 -20.15
N THR A 122 -11.26 12.69 -21.27
CA THR A 122 -12.68 12.42 -21.31
C THR A 122 -13.00 11.58 -22.55
N ILE A 123 -11.97 10.94 -23.07
CA ILE A 123 -12.11 10.04 -24.20
C ILE A 123 -11.49 8.74 -23.70
N LYS A 124 -12.35 7.78 -23.36
CA LYS A 124 -11.90 6.48 -22.84
C LYS A 124 -10.91 5.76 -23.76
N ALA A 125 -9.81 5.32 -23.16
CA ALA A 125 -8.76 4.61 -23.89
C ALA A 125 -9.12 3.13 -24.02
N PRO A 126 -8.44 2.39 -24.92
CA PRO A 126 -8.76 0.96 -25.05
C PRO A 126 -8.59 0.24 -23.70
N ASN A 127 -9.40 -0.78 -23.43
CA ASN A 127 -9.32 -1.54 -22.18
C ASN A 127 -8.15 -2.52 -22.26
N VAL A 128 -6.95 -2.00 -22.51
CA VAL A 128 -5.79 -2.87 -22.64
C VAL A 128 -5.67 -3.88 -21.52
N ILE A 129 -5.63 -5.13 -21.92
CA ILE A 129 -5.48 -6.22 -20.99
C ILE A 129 -4.02 -6.23 -20.73
N SER A 130 -3.64 -5.43 -19.76
CA SER A 130 -2.23 -5.33 -19.40
C SER A 130 -1.71 -6.67 -18.92
N SER A 131 -0.40 -6.88 -19.01
CA SER A 131 0.19 -8.12 -18.51
C SER A 131 1.09 -7.87 -17.28
N LYS A 132 2.02 -6.93 -17.34
CA LYS A 132 2.94 -6.70 -16.21
C LYS A 132 3.70 -7.99 -15.85
N ILE A 133 4.72 -7.85 -15.02
CA ILE A 133 5.51 -8.99 -14.59
C ILE A 133 5.44 -8.89 -13.08
N SER A 134 5.56 -10.03 -12.39
CA SER A 134 5.52 -10.02 -10.92
C SER A 134 6.92 -10.31 -10.40
N TYR A 135 7.31 -9.60 -9.35
CA TYR A 135 8.66 -9.79 -8.81
C TYR A 135 8.74 -10.40 -7.41
N ASN A 136 9.71 -11.31 -7.23
CA ASN A 136 9.92 -11.96 -5.94
C ASN A 136 10.78 -11.05 -5.07
N VAL A 137 10.27 -9.84 -4.88
CA VAL A 137 10.95 -8.85 -4.06
C VAL A 137 10.94 -9.32 -2.60
N THR A 138 11.24 -10.60 -2.37
CA THR A 138 11.25 -11.15 -1.03
C THR A 138 12.62 -11.77 -0.72
N SER A 139 13.18 -12.49 -1.68
CA SER A 139 14.50 -13.11 -1.53
C SER A 139 15.46 -11.98 -1.28
N MET A 140 15.10 -10.83 -1.83
CA MET A 140 15.90 -9.65 -1.75
C MET A 140 15.58 -8.75 -0.55
N GLU A 141 14.48 -9.04 0.14
CA GLU A 141 14.09 -8.22 1.28
C GLU A 141 15.11 -8.18 2.40
N GLU A 142 15.85 -9.28 2.58
CA GLU A 142 16.85 -9.32 3.63
C GLU A 142 18.11 -8.66 3.10
N LEU A 143 18.48 -8.99 1.87
CA LEU A 143 19.66 -8.42 1.22
C LEU A 143 19.69 -6.88 1.28
N ALA A 144 18.51 -6.30 1.12
CA ALA A 144 18.34 -4.86 1.16
C ALA A 144 18.54 -4.42 2.60
N ARG A 145 17.76 -4.99 3.51
CA ARG A 145 17.84 -4.67 4.93
C ARG A 145 19.29 -4.69 5.40
N ASP A 146 20.10 -5.57 4.82
CA ASP A 146 21.52 -5.69 5.18
C ASP A 146 22.27 -4.42 4.76
N MET A 147 22.30 -4.18 3.46
CA MET A 147 22.99 -3.01 2.92
C MET A 147 22.60 -1.75 3.70
N LEU A 148 21.30 -1.56 3.88
CA LEU A 148 20.76 -0.39 4.58
C LEU A 148 21.24 -0.23 6.03
N ASN A 149 21.60 -1.34 6.66
CA ASN A 149 22.04 -1.24 8.03
C ASN A 149 23.46 -0.75 8.13
N SER A 150 24.30 -1.23 7.22
CA SER A 150 25.70 -0.83 7.19
C SER A 150 25.74 0.70 7.21
N MET A 151 24.71 1.31 6.62
CA MET A 151 24.64 2.74 6.49
C MET A 151 23.89 3.52 7.57
N ASN A 152 22.91 2.92 8.23
CA ASN A 152 22.17 3.65 9.26
C ASN A 152 23.12 4.06 10.36
N VAL A 153 23.78 5.20 10.17
CA VAL A 153 24.73 5.65 11.17
C VAL A 153 24.64 7.14 11.51
N ALA A 154 23.47 7.75 11.31
CA ALA A 154 23.31 9.18 11.60
C ALA A 154 22.97 9.56 13.05
N VAL A 155 22.65 10.84 13.26
CA VAL A 155 22.31 11.43 14.56
C VAL A 155 22.57 10.53 15.74
N VAL A 167 -0.46 19.46 3.32
CA VAL A 167 -1.03 18.45 2.43
C VAL A 167 -2.56 18.55 2.40
N SER A 168 -3.07 19.02 1.26
CA SER A 168 -4.50 19.20 1.03
C SER A 168 -5.27 17.87 0.93
N SER A 169 -6.59 17.97 0.86
CA SER A 169 -7.44 16.79 0.76
C SER A 169 -7.66 16.45 -0.71
N LEU A 170 -7.31 17.38 -1.60
CA LEU A 170 -7.47 17.23 -3.05
C LEU A 170 -6.47 16.26 -3.63
N VAL A 171 -5.37 16.04 -2.92
CA VAL A 171 -4.29 15.14 -3.35
C VAL A 171 -4.78 13.76 -3.79
N LYS A 172 -5.82 13.25 -3.14
CA LYS A 172 -6.35 11.95 -3.55
C LYS A 172 -6.94 12.08 -4.95
N ASN A 173 -7.73 13.14 -5.13
CA ASN A 173 -8.39 13.47 -6.39
C ASN A 173 -7.38 13.74 -7.48
N VAL A 174 -6.35 14.51 -7.15
CA VAL A 174 -5.29 14.85 -8.11
C VAL A 174 -4.40 13.66 -8.47
N ASN A 175 -4.04 12.83 -7.50
CA ASN A 175 -3.22 11.68 -7.82
C ASN A 175 -4.03 10.79 -8.73
N LYS A 176 -5.34 10.75 -8.48
CA LYS A 176 -6.23 9.93 -9.29
C LYS A 176 -6.18 10.39 -10.75
N LEU A 177 -6.12 11.71 -10.95
CA LEU A 177 -6.06 12.30 -12.31
C LEU A 177 -4.75 12.00 -13.01
N MET A 178 -3.68 11.91 -12.23
CA MET A 178 -2.37 11.62 -12.77
C MET A 178 -2.28 10.20 -13.21
N GLU A 179 -3.07 9.35 -12.55
CA GLU A 179 -3.09 7.95 -12.87
C GLU A 179 -3.47 7.87 -14.35
N GLU A 180 -4.48 8.67 -14.69
CA GLU A 180 -5.00 8.74 -16.05
C GLU A 180 -4.09 9.59 -16.92
N TYR A 181 -3.79 10.82 -16.48
CA TYR A 181 -2.93 11.70 -17.26
C TYR A 181 -1.65 11.00 -17.76
N LEU A 182 -1.00 10.21 -16.92
CA LEU A 182 0.20 9.50 -17.34
C LEU A 182 -0.12 8.63 -18.54
N ARG A 183 -1.28 7.98 -18.49
CA ARG A 183 -1.79 7.12 -19.57
C ARG A 183 -2.09 7.86 -20.88
N ARG A 184 -2.62 9.07 -20.78
CA ARG A 184 -2.98 9.86 -21.96
C ARG A 184 -1.84 10.72 -22.53
N HIS A 185 -0.75 10.92 -21.79
CA HIS A 185 0.37 11.75 -22.26
C HIS A 185 1.71 11.08 -22.02
N ASN A 186 1.93 9.93 -22.64
CA ASN A 186 3.17 9.21 -22.45
C ASN A 186 4.42 9.93 -22.98
N LYS A 187 4.30 10.64 -24.09
CA LYS A 187 5.49 11.30 -24.65
C LYS A 187 5.92 12.61 -24.01
N SER A 188 5.07 13.21 -23.17
CA SER A 188 5.40 14.48 -22.52
C SER A 188 5.52 14.42 -21.00
N CYS A 189 5.08 13.33 -20.39
CA CYS A 189 5.09 13.21 -18.92
C CYS A 189 5.43 11.82 -18.44
N ILE A 190 6.60 11.63 -17.84
CA ILE A 190 6.93 10.30 -17.34
C ILE A 190 7.00 10.20 -15.83
N CYS A 191 7.01 8.97 -15.33
CA CYS A 191 6.96 8.76 -13.89
C CYS A 191 8.17 8.14 -13.19
N TYR A 192 8.28 8.38 -11.88
CA TYR A 192 9.36 7.81 -11.05
C TYR A 192 8.98 7.77 -9.56
N GLY A 193 9.83 7.23 -8.72
CA GLY A 193 9.48 7.15 -7.32
C GLY A 193 8.57 6.01 -6.85
N SER A 194 7.88 6.29 -5.75
CA SER A 194 6.96 5.35 -5.12
C SER A 194 6.05 4.65 -6.11
N TYR A 195 5.13 5.43 -6.69
CA TYR A 195 4.15 4.93 -7.65
C TYR A 195 4.74 4.25 -8.85
N SER A 196 5.91 4.70 -9.27
CA SER A 196 6.52 4.08 -10.43
C SER A 196 6.90 2.68 -10.05
N LEU A 197 7.27 2.46 -8.78
CA LEU A 197 7.66 1.12 -8.34
C LEU A 197 6.48 0.27 -7.87
N TYR A 198 5.35 0.93 -7.59
CA TYR A 198 4.09 0.29 -7.19
C TYR A 198 3.54 -0.36 -8.44
N LEU A 199 4.05 0.09 -9.58
CA LEU A 199 3.66 -0.46 -10.87
C LEU A 199 4.49 -1.73 -11.18
N ILE A 200 5.44 -2.06 -10.31
CA ILE A 200 6.27 -3.25 -10.48
C ILE A 200 5.99 -4.23 -9.34
N ASN A 201 5.86 -3.67 -8.15
CA ASN A 201 5.56 -4.38 -6.93
C ASN A 201 4.32 -3.66 -6.32
N PRO A 202 3.14 -4.28 -6.41
CA PRO A 202 1.94 -3.64 -5.87
C PRO A 202 1.84 -3.40 -4.38
N ASN A 203 2.76 -3.98 -3.61
CA ASN A 203 2.73 -3.79 -2.18
C ASN A 203 3.47 -2.53 -1.72
N ILE A 204 4.11 -1.82 -2.65
CA ILE A 204 4.83 -0.61 -2.29
C ILE A 204 3.81 0.47 -1.98
N ARG A 205 3.74 0.94 -0.75
CA ARG A 205 2.79 1.99 -0.47
C ARG A 205 3.31 3.19 -1.28
N TYR A 206 2.41 4.04 -1.77
CA TYR A 206 2.81 5.19 -2.56
C TYR A 206 1.87 6.33 -2.28
N GLY A 207 2.41 7.55 -2.36
CA GLY A 207 1.58 8.72 -2.10
C GLY A 207 1.51 9.68 -3.28
N ASP A 208 2.43 10.63 -3.31
CA ASP A 208 2.49 11.59 -4.38
C ASP A 208 3.16 10.88 -5.53
N ILE A 209 2.76 11.23 -6.74
CA ILE A 209 3.32 10.62 -7.94
C ILE A 209 4.38 11.52 -8.59
N ASP A 210 5.64 11.13 -8.46
CA ASP A 210 6.73 11.93 -8.99
C ASP A 210 6.78 11.94 -10.51
N ILE A 211 6.72 13.14 -11.09
CA ILE A 211 6.76 13.22 -12.54
C ILE A 211 7.70 14.24 -13.10
N LEU A 212 8.05 14.01 -14.37
CA LEU A 212 8.90 14.87 -15.19
C LEU A 212 8.05 15.23 -16.38
N GLN A 213 8.06 16.50 -16.76
CA GLN A 213 7.29 16.95 -17.90
C GLN A 213 8.11 17.88 -18.77
N THR A 214 7.68 18.04 -20.00
CA THR A 214 8.35 18.92 -20.92
C THR A 214 7.43 20.12 -20.97
N ASN A 215 6.30 20.00 -20.30
CA ASN A 215 5.32 21.07 -20.25
C ASN A 215 4.76 21.29 -18.84
N SER A 216 5.65 21.20 -17.85
CA SER A 216 5.26 21.40 -16.45
C SER A 216 4.36 22.58 -16.19
N ARG A 217 4.77 23.76 -16.65
CA ARG A 217 3.95 24.94 -16.37
C ARG A 217 2.58 24.87 -16.99
N THR A 218 2.57 24.55 -18.29
CA THR A 218 1.34 24.44 -19.06
C THR A 218 0.40 23.52 -18.31
N PHE A 219 0.89 22.35 -17.93
CA PHE A 219 0.07 21.40 -17.18
C PHE A 219 -0.44 21.99 -15.86
N LEU A 220 0.47 22.35 -14.97
CA LEU A 220 0.09 22.92 -13.69
C LEU A 220 -0.87 24.11 -13.81
N ILE A 221 -0.67 24.96 -14.82
CA ILE A 221 -1.56 26.10 -14.96
C ILE A 221 -2.98 25.64 -15.31
N ASP A 222 -3.07 24.60 -16.14
CA ASP A 222 -4.38 24.07 -16.55
C ASP A 222 -5.08 23.41 -15.37
N LEU A 223 -4.36 22.52 -14.70
CA LEU A 223 -4.91 21.83 -13.55
C LEU A 223 -5.27 22.83 -12.44
N ALA A 224 -4.45 23.87 -12.28
CA ALA A 224 -4.69 24.89 -11.28
C ALA A 224 -6.03 25.54 -11.52
N PHE A 225 -6.38 25.75 -12.78
CA PHE A 225 -7.66 26.36 -13.12
C PHE A 225 -8.81 25.39 -12.86
N LEU A 226 -8.63 24.15 -13.33
CA LEU A 226 -9.64 23.11 -13.14
C LEU A 226 -10.15 23.15 -11.68
N ILE A 227 -9.20 23.05 -10.75
CA ILE A 227 -9.47 23.10 -9.32
C ILE A 227 -10.17 24.40 -8.91
N LYS A 228 -9.58 25.57 -9.12
CA LYS A 228 -10.24 26.82 -8.73
C LYS A 228 -11.67 26.85 -9.25
N PHE A 229 -11.86 26.43 -10.51
CA PHE A 229 -13.18 26.40 -11.14
C PHE A 229 -14.15 25.50 -10.37
N ILE A 230 -13.75 24.24 -10.17
CA ILE A 230 -14.58 23.29 -9.42
C ILE A 230 -14.66 23.74 -7.94
N THR A 231 -13.57 23.51 -7.21
CA THR A 231 -13.43 23.88 -5.81
C THR A 231 -13.92 25.30 -5.45
N GLY A 232 -13.48 26.31 -6.18
CA GLY A 232 -13.88 27.67 -5.88
C GLY A 232 -12.82 28.36 -5.05
N ASN A 233 -11.85 27.57 -4.57
CA ASN A 233 -10.74 28.05 -3.75
C ASN A 233 -9.48 28.26 -4.58
N ASN A 234 -9.04 29.51 -4.65
CA ASN A 234 -7.85 29.89 -5.39
C ASN A 234 -6.59 29.14 -4.94
N ILE A 235 -5.80 28.66 -5.90
CA ILE A 235 -4.56 27.98 -5.54
C ILE A 235 -3.37 28.74 -6.13
N ILE A 236 -2.18 28.48 -5.60
CA ILE A 236 -0.99 29.17 -6.06
C ILE A 236 0.05 28.26 -6.68
N LEU A 237 0.44 28.62 -7.90
CA LEU A 237 1.46 27.92 -8.64
C LEU A 237 2.71 28.66 -8.17
N SER A 238 3.63 27.94 -7.53
CA SER A 238 4.86 28.54 -7.01
C SER A 238 6.10 27.89 -7.61
N LYS A 239 7.18 28.64 -7.76
CA LYS A 239 8.38 28.05 -8.33
C LYS A 239 9.49 28.06 -7.31
N ILE A 240 10.08 26.89 -7.02
CA ILE A 240 11.20 26.85 -6.07
C ILE A 240 12.45 26.95 -6.91
N PRO A 241 13.36 27.84 -6.53
CA PRO A 241 14.65 28.15 -7.16
C PRO A 241 15.84 27.21 -6.94
N TYR A 242 15.99 26.66 -5.75
CA TYR A 242 17.10 25.74 -5.44
C TYR A 242 17.13 24.66 -6.52
N LEU A 243 15.94 24.17 -6.78
CA LEU A 243 15.66 23.11 -7.71
C LEU A 243 15.61 23.52 -9.17
N ARG A 244 16.02 22.60 -10.02
CA ARG A 244 16.06 22.81 -11.46
C ARG A 244 14.68 22.70 -12.13
N ASN A 245 14.08 23.85 -12.45
CA ASN A 245 12.79 23.87 -13.11
C ASN A 245 11.73 23.15 -12.27
N TYR A 246 11.73 23.42 -10.97
CA TYR A 246 10.78 22.80 -10.09
C TYR A 246 9.58 23.70 -9.94
N MET A 247 8.40 23.12 -9.84
CA MET A 247 7.17 23.90 -9.66
C MET A 247 6.14 23.10 -8.87
N VAL A 248 5.29 23.81 -8.17
CA VAL A 248 4.31 23.13 -7.38
C VAL A 248 3.07 23.97 -7.17
N ILE A 249 1.93 23.31 -7.06
CA ILE A 249 0.71 24.04 -6.80
C ILE A 249 0.18 23.69 -5.39
N LYS A 250 -0.04 24.75 -4.61
CA LYS A 250 -0.51 24.62 -3.23
C LYS A 250 -1.84 25.32 -3.18
N ASP A 251 -2.43 25.40 -1.99
CA ASP A 251 -3.70 26.07 -1.80
C ASP A 251 -3.52 27.31 -0.94
N GLU A 252 -4.58 28.10 -0.80
CA GLU A 252 -4.53 29.33 -0.02
C GLU A 252 -3.79 29.20 1.31
N ASN A 253 -3.91 28.01 1.92
CA ASN A 253 -3.28 27.71 3.20
C ASN A 253 -1.88 27.11 3.15
N ASP A 254 -1.21 27.25 2.01
CA ASP A 254 0.17 26.76 1.88
C ASP A 254 0.30 25.22 1.92
N ASN A 255 -0.76 24.50 1.55
CA ASN A 255 -0.70 23.04 1.55
C ASN A 255 -0.42 22.40 0.18
N HIS A 256 0.63 21.59 0.16
CA HIS A 256 1.08 20.88 -1.05
C HIS A 256 -0.04 20.12 -1.75
N ILE A 257 -0.16 20.31 -3.06
CA ILE A 257 -1.16 19.61 -3.85
C ILE A 257 -0.48 18.69 -4.84
N ILE A 258 0.30 19.27 -5.76
CA ILE A 258 1.02 18.48 -6.75
C ILE A 258 2.20 19.25 -7.37
N ASP A 259 3.34 18.59 -7.53
CA ASP A 259 4.52 19.25 -8.10
C ASP A 259 5.02 18.56 -9.35
N SER A 260 6.12 19.05 -9.91
CA SER A 260 6.67 18.50 -11.14
C SER A 260 7.95 19.20 -11.60
N PHE A 261 8.85 18.42 -12.17
CA PHE A 261 10.10 18.96 -12.70
C PHE A 261 10.03 19.04 -14.21
N ASN A 262 10.53 20.13 -14.76
CA ASN A 262 10.50 20.30 -16.20
C ASN A 262 11.88 19.97 -16.79
N ILE A 263 11.84 19.37 -17.97
CA ILE A 263 13.03 18.98 -18.71
C ILE A 263 12.76 19.23 -20.18
N ARG A 264 13.83 19.33 -20.97
CA ARG A 264 13.72 19.56 -22.41
C ARG A 264 13.34 18.27 -23.11
N GLN A 265 12.89 18.40 -24.36
CA GLN A 265 12.56 17.23 -25.16
C GLN A 265 13.90 16.51 -25.30
N ASP A 266 14.93 17.34 -25.32
CA ASP A 266 16.32 16.98 -25.42
C ASP A 266 16.62 15.88 -24.41
N THR A 267 16.42 16.25 -23.15
CA THR A 267 16.64 15.40 -22.00
C THR A 267 15.64 14.26 -21.88
N MET A 268 14.37 14.54 -22.16
CA MET A 268 13.31 13.54 -22.09
C MET A 268 13.69 12.30 -22.91
N ASN A 269 14.08 12.54 -24.16
CA ASN A 269 14.47 11.48 -25.07
C ASN A 269 15.58 10.58 -24.54
N VAL A 270 16.56 11.16 -23.81
CA VAL A 270 17.69 10.38 -23.28
C VAL A 270 17.50 9.70 -21.93
N VAL A 271 16.38 9.98 -21.26
CA VAL A 271 16.15 9.36 -19.97
C VAL A 271 15.73 7.90 -20.11
N PRO A 272 16.41 7.02 -19.35
CA PRO A 272 16.13 5.59 -19.38
C PRO A 272 14.65 5.30 -19.04
N LYS A 273 13.94 4.60 -19.94
CA LYS A 273 12.51 4.31 -19.71
C LYS A 273 12.08 2.85 -19.78
N ILE A 274 10.91 2.59 -19.22
CA ILE A 274 10.27 1.27 -19.21
C ILE A 274 8.79 1.55 -19.48
N PHE A 275 8.12 0.68 -20.21
CA PHE A 275 6.71 0.92 -20.52
C PHE A 275 5.69 -0.01 -19.85
N ILE A 276 5.19 0.38 -18.69
CA ILE A 276 4.23 -0.45 -17.97
C ILE A 276 2.79 0.06 -18.10
N ASP A 277 1.89 -0.83 -18.53
CA ASP A 277 0.48 -0.50 -18.72
C ASP A 277 0.14 0.96 -19.07
N ASN A 278 0.59 1.35 -20.26
CA ASN A 278 0.35 2.67 -20.84
C ASN A 278 1.04 3.91 -20.28
N ILE A 279 2.10 3.70 -19.52
CA ILE A 279 2.85 4.80 -18.98
C ILE A 279 4.34 4.49 -19.05
N TYR A 280 5.15 5.54 -19.00
CA TYR A 280 6.59 5.37 -19.02
C TYR A 280 7.06 5.65 -17.61
N ILE A 281 8.03 4.89 -17.15
CA ILE A 281 8.58 5.12 -15.82
C ILE A 281 10.08 5.16 -16.02
N VAL A 282 10.78 5.97 -15.24
CA VAL A 282 12.22 6.06 -15.36
C VAL A 282 12.65 4.63 -15.11
N ASP A 283 13.68 4.19 -15.81
CA ASP A 283 14.12 2.82 -15.63
C ASP A 283 14.52 2.60 -14.18
N PRO A 284 13.92 1.57 -13.51
CA PRO A 284 14.24 1.26 -12.11
C PRO A 284 15.74 1.06 -11.93
N THR A 285 16.43 0.69 -13.00
CA THR A 285 17.87 0.51 -12.92
C THR A 285 18.44 1.88 -12.58
N PHE A 286 17.91 2.92 -13.25
CA PHE A 286 18.37 4.30 -13.03
C PHE A 286 17.96 4.83 -11.64
N GLN A 287 16.69 4.66 -11.29
CA GLN A 287 16.20 5.11 -10.01
C GLN A 287 17.02 4.50 -8.86
N LEU A 288 17.46 3.25 -9.01
CA LEU A 288 18.26 2.61 -7.97
C LEU A 288 19.58 3.39 -7.85
N LEU A 289 20.15 3.77 -8.99
CA LEU A 289 21.39 4.54 -9.04
C LEU A 289 21.22 5.85 -8.27
N ASN A 290 20.15 6.56 -8.57
CA ASN A 290 19.91 7.81 -7.88
C ASN A 290 19.78 7.58 -6.38
N MET A 291 19.01 6.58 -5.96
CA MET A 291 18.82 6.30 -4.54
C MET A 291 20.12 6.00 -3.76
N ILE A 292 21.18 5.68 -4.48
CA ILE A 292 22.46 5.38 -3.84
C ILE A 292 23.21 6.68 -3.57
N LYS A 293 22.93 7.67 -4.43
CA LYS A 293 23.52 9.00 -4.33
C LYS A 293 22.79 9.70 -3.16
N MET A 294 21.46 9.64 -3.20
CA MET A 294 20.61 10.23 -2.17
C MET A 294 20.99 9.79 -0.77
N PHE A 295 21.67 8.63 -0.64
CA PHE A 295 22.07 8.15 0.68
C PHE A 295 23.23 8.92 1.28
N SER A 296 23.89 9.71 0.45
CA SER A 296 25.00 10.53 0.92
C SER A 296 24.42 11.73 1.69
N GLN A 297 23.33 12.28 1.17
CA GLN A 297 22.64 13.41 1.77
C GLN A 297 22.20 13.07 3.19
N ILE A 298 22.91 13.63 4.14
CA ILE A 298 22.67 13.46 5.56
C ILE A 298 21.18 13.44 6.01
N ASP A 299 20.31 14.17 5.28
CA ASP A 299 18.88 14.24 5.61
C ASP A 299 18.25 12.87 5.38
N ARG A 300 18.84 12.11 4.47
CA ARG A 300 18.33 10.79 4.17
C ARG A 300 18.70 9.79 5.23
N LEU A 301 19.95 9.81 5.68
CA LEU A 301 20.35 8.86 6.72
C LEU A 301 19.50 9.12 7.94
N GLU A 302 18.96 10.33 7.98
CA GLU A 302 18.11 10.71 9.08
C GLU A 302 16.70 10.15 8.87
N ASP A 303 16.25 10.09 7.62
CA ASP A 303 14.92 9.56 7.32
C ASP A 303 14.99 8.06 7.53
N LEU A 304 16.20 7.51 7.37
CA LEU A 304 16.43 6.09 7.52
C LEU A 304 16.31 5.62 8.96
N SER A 305 16.98 6.32 9.86
CA SER A 305 16.92 5.94 11.26
C SER A 305 15.50 6.04 11.82
N LYS A 306 14.66 6.89 11.22
CA LYS A 306 13.28 7.02 11.68
C LYS A 306 12.56 5.69 11.46
N ASP A 307 12.44 5.30 10.19
CA ASP A 307 11.80 4.05 9.81
C ASP A 307 12.66 3.35 8.75
N PRO A 308 13.60 2.49 9.18
CA PRO A 308 14.48 1.78 8.23
C PRO A 308 13.74 0.91 7.22
N GLU A 309 12.59 0.39 7.63
CA GLU A 309 11.81 -0.45 6.73
C GLU A 309 11.27 0.36 5.55
N LYS A 310 10.93 1.62 5.81
CA LYS A 310 10.41 2.51 4.80
C LYS A 310 11.13 2.34 3.46
N PHE A 311 12.45 2.18 3.53
CA PHE A 311 13.26 2.04 2.34
C PHE A 311 13.45 0.60 1.88
N ASN A 312 13.39 -0.33 2.83
CA ASN A 312 13.56 -1.75 2.55
C ASN A 312 12.83 -2.20 1.28
N ALA A 313 11.52 -1.99 1.27
CA ALA A 313 10.69 -2.39 0.14
C ALA A 313 11.22 -1.84 -1.18
N ARG A 314 11.32 -0.53 -1.27
CA ARG A 314 11.81 0.11 -2.48
C ARG A 314 13.11 -0.53 -2.92
N MET A 315 14.13 -0.41 -2.07
CA MET A 315 15.43 -0.98 -2.36
C MET A 315 15.29 -2.39 -2.90
N ALA A 316 14.59 -3.22 -2.15
CA ALA A 316 14.35 -4.61 -2.50
C ALA A 316 13.89 -4.77 -3.93
N THR A 317 12.75 -4.16 -4.20
CA THR A 317 12.12 -4.18 -5.51
C THR A 317 13.11 -3.79 -6.59
N MET A 318 13.95 -2.80 -6.30
CA MET A 318 14.92 -2.36 -7.29
C MET A 318 16.06 -3.35 -7.42
N LEU A 319 16.37 -4.04 -6.33
CA LEU A 319 17.45 -5.00 -6.36
C LEU A 319 16.98 -6.17 -7.21
N GLU A 320 15.74 -6.58 -6.98
CA GLU A 320 15.15 -7.70 -7.73
C GLU A 320 14.96 -7.39 -9.24
N TYR A 321 14.57 -6.15 -9.56
CA TYR A 321 14.37 -5.74 -10.96
C TYR A 321 15.67 -5.90 -11.75
N VAL A 322 16.74 -5.28 -11.23
CA VAL A 322 18.08 -5.30 -11.82
C VAL A 322 18.71 -6.69 -11.88
N ARG A 323 18.36 -7.56 -10.92
CA ARG A 323 18.84 -8.94 -10.88
C ARG A 323 18.24 -9.68 -12.09
N TYR A 324 16.93 -9.88 -11.99
CA TYR A 324 16.08 -10.54 -12.99
C TYR A 324 16.17 -9.97 -14.42
N THR A 325 16.35 -8.66 -14.52
CA THR A 325 16.41 -8.03 -15.83
C THR A 325 17.81 -7.98 -16.46
N HIS A 326 18.85 -7.76 -15.66
CA HIS A 326 20.19 -7.69 -16.21
C HIS A 326 21.07 -8.83 -15.78
N GLY A 327 20.50 -9.77 -15.05
CA GLY A 327 21.31 -10.89 -14.62
C GLY A 327 22.42 -10.39 -13.73
N ILE A 328 22.00 -9.69 -12.68
CA ILE A 328 22.96 -9.16 -11.73
C ILE A 328 22.96 -10.19 -10.60
N VAL A 329 24.14 -10.64 -10.17
CA VAL A 329 24.19 -11.60 -9.07
C VAL A 329 24.98 -11.04 -7.92
N PHE A 330 24.33 -11.07 -6.77
CA PHE A 330 24.89 -10.55 -5.56
C PHE A 330 25.72 -11.60 -4.82
N ASP A 331 26.98 -11.69 -5.24
CA ASP A 331 27.96 -12.61 -4.69
C ASP A 331 28.75 -11.98 -3.53
N GLY A 332 28.67 -10.66 -3.37
CA GLY A 332 29.41 -9.99 -2.32
C GLY A 332 30.88 -10.26 -2.60
N LYS A 333 31.21 -10.28 -3.88
CA LYS A 333 32.55 -10.56 -4.37
C LYS A 333 33.59 -9.45 -4.32
N ARG A 334 34.82 -9.82 -3.98
CA ARG A 334 35.98 -8.91 -3.99
C ARG A 334 35.85 -7.48 -3.45
N ASN A 335 36.51 -6.57 -4.16
CA ASN A 335 36.61 -5.14 -3.89
C ASN A 335 36.56 -4.53 -5.31
N ASN A 336 37.53 -3.67 -5.64
CA ASN A 336 37.57 -3.03 -6.95
C ASN A 336 36.43 -2.02 -7.00
N MET A 337 35.68 -1.98 -5.91
CA MET A 337 34.54 -1.08 -5.76
C MET A 337 34.22 -1.11 -4.27
N PRO A 338 34.17 0.06 -3.61
CA PRO A 338 34.42 1.39 -4.18
C PRO A 338 35.88 1.71 -4.56
N MET A 339 36.04 2.43 -5.67
CA MET A 339 37.35 2.82 -6.15
C MET A 339 37.86 4.02 -5.35
N LYS A 340 38.82 4.77 -5.90
CA LYS A 340 39.38 5.90 -5.17
C LYS A 340 38.66 7.21 -5.38
N CYS A 341 38.42 7.90 -4.26
CA CYS A 341 37.75 9.19 -4.24
C CYS A 341 38.62 10.14 -3.42
N ILE A 342 39.61 10.73 -4.07
CA ILE A 342 40.54 11.66 -3.41
C ILE A 342 39.95 13.06 -3.26
N ILE A 343 39.68 13.49 -2.02
CA ILE A 343 39.10 14.83 -1.78
C ILE A 343 39.97 15.95 -1.21
N ASP A 344 39.87 17.12 -1.84
CA ASP A 344 40.58 18.32 -1.43
C ASP A 344 39.71 18.92 -0.32
N GLU A 345 40.09 18.70 0.93
CA GLU A 345 39.34 19.21 2.07
C GLU A 345 39.08 20.72 1.99
N ASN A 346 39.78 21.42 1.09
CA ASN A 346 39.62 22.87 0.95
C ASN A 346 39.15 23.34 -0.43
N ASN A 347 39.91 23.02 -1.47
CA ASN A 347 39.57 23.40 -2.85
C ASN A 347 38.25 22.73 -3.25
N ARG A 348 37.74 21.92 -2.32
CA ARG A 348 36.49 21.18 -2.48
C ARG A 348 36.19 20.56 -3.85
N ILE A 349 36.91 19.49 -4.16
CA ILE A 349 36.75 18.74 -5.41
C ILE A 349 36.96 17.29 -4.99
N VAL A 350 36.98 16.36 -5.95
CA VAL A 350 37.18 14.96 -5.62
C VAL A 350 37.69 14.13 -6.80
N THR A 351 38.98 14.21 -7.10
CA THR A 351 39.52 13.42 -8.21
C THR A 351 39.29 11.94 -7.88
N VAL A 352 38.78 11.21 -8.86
CA VAL A 352 38.50 9.78 -8.69
C VAL A 352 38.82 9.03 -9.96
N THR A 353 39.91 8.28 -9.92
CA THR A 353 40.33 7.50 -11.06
C THR A 353 39.22 6.55 -11.51
N THR A 354 39.04 6.43 -12.83
CA THR A 354 38.03 5.55 -13.43
C THR A 354 38.69 4.66 -14.50
N LYS A 355 40.02 4.65 -14.49
CA LYS A 355 40.86 3.89 -15.42
C LYS A 355 40.23 2.55 -15.77
N ASP A 356 39.58 2.00 -14.77
CA ASP A 356 38.92 0.71 -14.84
C ASP A 356 37.71 0.55 -15.75
N TYR A 357 36.56 1.12 -15.36
CA TYR A 357 35.32 0.97 -16.12
C TYR A 357 35.11 1.78 -17.39
N PHE A 358 35.72 2.97 -17.51
CA PHE A 358 35.47 3.77 -18.72
C PHE A 358 36.68 4.40 -19.42
N SER A 359 36.46 4.69 -20.71
CA SER A 359 37.48 5.29 -21.55
C SER A 359 37.71 6.77 -21.27
N PHE A 360 38.08 7.04 -20.02
CA PHE A 360 38.44 8.35 -19.49
C PHE A 360 39.10 8.16 -18.13
N LYS A 361 40.30 8.72 -18.01
CA LYS A 361 41.14 8.60 -16.81
C LYS A 361 40.45 8.70 -15.47
N LYS A 362 40.15 9.93 -15.07
CA LYS A 362 39.51 10.15 -13.79
C LYS A 362 38.37 11.17 -13.91
N CYS A 363 37.76 11.47 -12.78
CA CYS A 363 36.65 12.40 -12.74
C CYS A 363 36.83 13.44 -11.65
N LEU A 364 36.75 14.71 -12.03
CA LEU A 364 36.88 15.77 -11.04
C LEU A 364 35.47 16.22 -10.71
N VAL A 365 35.10 16.04 -9.45
CA VAL A 365 33.78 16.41 -8.98
C VAL A 365 33.80 17.65 -8.10
N TYR A 366 33.25 18.74 -8.62
CA TYR A 366 33.19 20.02 -7.93
C TYR A 366 32.04 20.02 -6.93
N LEU A 367 32.29 20.55 -5.73
CA LEU A 367 31.26 20.61 -4.71
C LEU A 367 30.45 21.90 -4.82
N ASP A 368 30.93 22.83 -5.65
CA ASP A 368 30.30 24.14 -5.88
C ASP A 368 30.01 24.34 -7.36
N GLU A 369 28.73 24.39 -7.70
CA GLU A 369 28.29 24.54 -9.09
C GLU A 369 28.96 25.71 -9.81
N ASN A 370 28.92 26.88 -9.19
CA ASN A 370 29.51 28.09 -9.76
C ASN A 370 30.94 27.83 -10.20
N VAL A 371 31.71 27.21 -9.31
CA VAL A 371 33.10 26.90 -9.59
C VAL A 371 33.27 25.92 -10.74
N LEU A 372 32.19 25.30 -11.19
CA LEU A 372 32.29 24.35 -12.29
C LEU A 372 32.28 25.06 -13.63
N SER A 373 31.33 25.96 -13.84
CA SER A 373 31.28 26.70 -15.11
C SER A 373 32.48 27.65 -15.18
N SER A 374 32.89 28.15 -14.02
CA SER A 374 34.04 29.04 -13.90
C SER A 374 35.23 28.35 -14.56
N ASP A 375 35.67 27.25 -13.94
CA ASP A 375 36.80 26.48 -14.45
C ASP A 375 36.48 25.64 -15.69
N ILE A 376 35.21 25.57 -16.10
CA ILE A 376 34.84 24.74 -17.27
C ILE A 376 35.01 25.41 -18.63
N LEU A 377 35.37 26.69 -18.62
CA LEU A 377 35.61 27.41 -19.86
C LEU A 377 37.12 27.54 -20.07
N ASP A 378 37.87 27.28 -18.99
CA ASP A 378 39.33 27.33 -19.04
C ASP A 378 39.82 26.12 -19.81
N LEU A 379 38.89 25.44 -20.47
CA LEU A 379 39.19 24.25 -21.27
C LEU A 379 38.82 24.52 -22.73
N ASN A 380 37.83 25.39 -22.93
CA ASN A 380 37.36 25.76 -24.26
C ASN A 380 36.57 24.66 -24.98
N ALA A 381 37.18 23.49 -25.17
CA ALA A 381 36.49 22.38 -25.83
C ALA A 381 35.15 22.15 -25.13
N ASP A 382 34.08 22.66 -25.73
CA ASP A 382 32.76 22.53 -25.14
C ASP A 382 31.82 21.60 -25.90
N THR A 383 31.53 20.48 -25.27
CA THR A 383 30.64 19.44 -25.78
C THR A 383 30.16 18.76 -24.50
N SER A 384 29.53 19.57 -23.67
CA SER A 384 29.00 19.14 -22.39
C SER A 384 27.54 18.70 -22.44
N CYS A 385 27.07 18.13 -21.34
CA CYS A 385 25.70 17.68 -21.22
C CYS A 385 25.09 18.25 -19.95
N ASP A 386 23.86 18.72 -20.08
CA ASP A 386 23.13 19.26 -18.95
C ASP A 386 21.90 18.40 -18.83
N PHE A 387 21.78 17.67 -17.72
CA PHE A 387 20.62 16.81 -17.58
C PHE A 387 19.65 17.37 -16.56
N GLU A 388 19.78 18.67 -16.34
CA GLU A 388 18.90 19.39 -15.45
C GLU A 388 18.71 18.71 -14.08
N SER A 389 17.46 18.55 -13.64
CA SER A 389 17.17 17.93 -12.35
C SER A 389 17.29 16.41 -12.38
N VAL A 390 17.50 15.85 -13.56
CA VAL A 390 17.63 14.40 -13.68
C VAL A 390 18.96 13.90 -13.12
N THR A 391 20.01 14.67 -13.35
CA THR A 391 21.35 14.35 -12.84
C THR A 391 21.72 15.44 -11.86
N ASN A 392 20.97 16.55 -11.95
CA ASN A 392 21.17 17.71 -11.10
C ASN A 392 22.61 18.16 -11.17
N SER A 393 23.18 18.09 -12.36
CA SER A 393 24.55 18.51 -12.59
C SER A 393 24.84 18.48 -14.08
N VAL A 394 26.02 18.96 -14.43
CA VAL A 394 26.41 18.96 -15.81
C VAL A 394 27.65 18.08 -15.92
N TYR A 395 27.81 17.42 -17.06
CA TYR A 395 28.96 16.53 -17.29
C TYR A 395 29.73 16.96 -18.53
N LEU A 396 31.05 16.93 -18.42
CA LEU A 396 31.94 17.30 -19.53
C LEU A 396 33.16 16.40 -19.61
N ILE A 397 33.30 15.66 -20.71
CA ILE A 397 34.46 14.80 -20.90
C ILE A 397 35.48 15.61 -21.72
N HIS A 398 36.71 15.68 -21.22
CA HIS A 398 37.76 16.47 -21.87
C HIS A 398 39.15 16.01 -21.40
N ASP A 399 40.08 15.80 -22.33
CA ASP A 399 41.44 15.36 -22.02
C ASP A 399 41.41 13.91 -21.54
N ASN A 400 40.33 13.19 -21.84
CA ASN A 400 40.16 11.82 -21.38
C ASN A 400 39.94 11.92 -19.87
N ILE A 401 39.33 13.05 -19.47
CA ILE A 401 39.01 13.38 -18.08
C ILE A 401 37.53 13.78 -18.03
N MET A 402 36.92 13.73 -16.85
CA MET A 402 35.52 14.11 -16.71
C MET A 402 35.29 15.17 -15.62
N TYR A 403 34.52 16.20 -15.97
CA TYR A 403 34.21 17.28 -15.04
C TYR A 403 32.71 17.32 -14.79
N THR A 404 32.34 17.13 -13.53
CA THR A 404 30.92 17.11 -13.17
C THR A 404 30.76 17.72 -11.77
N TYR A 405 29.51 17.94 -11.37
CA TYR A 405 29.18 18.55 -10.08
C TYR A 405 28.30 17.64 -9.20
N PHE A 406 28.65 17.53 -7.91
CA PHE A 406 27.92 16.70 -6.96
C PHE A 406 27.14 17.60 -6.02
N SER A 407 25.82 17.46 -6.01
CA SER A 407 24.97 18.30 -5.18
C SER A 407 24.48 17.81 -3.81
N ASN A 408 25.29 17.01 -3.09
CA ASN A 408 24.90 16.50 -1.76
C ASN A 408 26.05 16.62 -0.79
N THR A 409 25.77 16.39 0.47
CA THR A 409 26.80 16.48 1.49
C THR A 409 27.83 15.37 1.34
N ILE A 410 29.12 15.71 1.27
CA ILE A 410 30.15 14.68 1.18
C ILE A 410 30.45 14.25 2.62
N LEU A 411 30.37 12.95 2.86
CA LEU A 411 30.61 12.39 4.19
C LEU A 411 32.04 11.89 4.31
N LEU A 412 32.60 11.99 5.52
CA LEU A 412 33.97 11.51 5.76
C LEU A 412 34.00 10.57 6.95
N SER A 413 34.63 9.41 6.74
CA SER A 413 34.77 8.38 7.76
C SER A 413 35.88 8.79 8.72
N ASP A 414 36.76 9.65 8.22
CA ASP A 414 37.88 10.16 8.98
C ASP A 414 38.42 11.37 8.24
N LYS A 415 39.10 12.26 8.95
CA LYS A 415 39.65 13.47 8.36
C LYS A 415 40.33 13.20 7.02
N GLY A 416 39.91 13.94 6.01
CA GLY A 416 40.47 13.80 4.68
C GLY A 416 40.12 12.48 4.01
N LYS A 417 39.10 11.79 4.51
CA LYS A 417 38.70 10.52 3.91
C LYS A 417 37.23 10.38 3.57
N VAL A 418 36.95 10.28 2.28
CA VAL A 418 35.59 10.12 1.80
C VAL A 418 35.04 8.85 2.43
N HIS A 419 33.78 8.92 2.85
CA HIS A 419 33.13 7.77 3.46
C HIS A 419 32.56 6.87 2.38
N GLU A 420 32.65 5.57 2.59
CA GLU A 420 32.15 4.60 1.63
C GLU A 420 30.86 5.12 1.02
N ILE A 421 29.91 5.49 1.88
CA ILE A 421 28.60 5.97 1.43
C ILE A 421 28.69 7.07 0.38
N SER A 422 29.53 8.07 0.61
CA SER A 422 29.69 9.13 -0.37
C SER A 422 30.49 8.55 -1.53
N ALA A 423 31.46 7.74 -1.18
CA ALA A 423 32.28 7.09 -2.18
C ALA A 423 31.35 6.46 -3.23
N ARG A 424 30.34 5.73 -2.73
CA ARG A 424 29.38 5.06 -3.60
C ARG A 424 28.43 6.02 -4.32
N GLY A 425 27.95 7.05 -3.60
CA GLY A 425 27.06 8.03 -4.21
C GLY A 425 27.80 8.71 -5.35
N LEU A 426 29.12 8.84 -5.20
CA LEU A 426 29.99 9.45 -6.23
C LEU A 426 30.08 8.59 -7.49
N CYS A 427 30.05 7.29 -7.29
CA CYS A 427 30.11 6.35 -8.40
C CYS A 427 28.81 6.34 -9.15
N ALA A 428 27.71 6.26 -8.40
CA ALA A 428 26.37 6.24 -8.96
C ALA A 428 26.12 7.49 -9.79
N HIS A 429 26.59 8.64 -9.29
CA HIS A 429 26.40 9.90 -9.98
C HIS A 429 26.97 9.77 -11.38
N ILE A 430 28.19 9.26 -11.44
CA ILE A 430 28.89 9.09 -12.70
C ILE A 430 28.18 8.10 -13.60
N LEU A 431 27.57 7.11 -12.99
CA LEU A 431 26.83 6.08 -13.73
C LEU A 431 25.54 6.61 -14.35
N LEU A 432 24.95 7.62 -13.71
CA LEU A 432 23.72 8.22 -14.20
C LEU A 432 24.02 8.75 -15.58
N TYR A 433 25.20 9.34 -15.73
CA TYR A 433 25.64 9.85 -17.03
C TYR A 433 25.66 8.72 -18.08
N GLN A 434 26.23 7.61 -17.65
CA GLN A 434 26.35 6.47 -18.51
C GLN A 434 25.01 6.00 -19.00
N MET A 435 24.03 5.96 -18.12
CA MET A 435 22.72 5.50 -18.57
C MET A 435 22.04 6.47 -19.54
N LEU A 436 22.23 7.77 -19.35
CA LEU A 436 21.58 8.73 -20.23
C LEU A 436 22.28 8.88 -21.57
N THR A 437 23.47 8.29 -21.67
CA THR A 437 24.24 8.38 -22.90
C THR A 437 24.39 7.04 -23.62
N SER A 438 23.93 5.96 -23.00
CA SER A 438 23.99 4.61 -23.57
C SER A 438 25.35 3.89 -23.43
N GLY A 439 26.21 4.38 -22.55
CA GLY A 439 27.50 3.76 -22.35
C GLY A 439 27.41 2.52 -21.47
N GLU A 440 28.49 1.77 -21.35
CA GLU A 440 28.52 0.56 -20.52
C GLU A 440 28.31 0.96 -19.08
N TYR A 441 27.55 0.15 -18.34
CA TYR A 441 27.30 0.49 -16.96
C TYR A 441 26.88 -0.72 -16.15
N LYS A 442 26.55 -1.82 -16.85
CA LYS A 442 26.09 -3.04 -16.21
C LYS A 442 27.09 -3.70 -15.24
N GLN A 443 28.35 -3.80 -15.69
CA GLN A 443 29.37 -4.39 -14.86
C GLN A 443 29.63 -3.50 -13.67
N CYS A 444 29.91 -2.23 -13.94
CA CYS A 444 30.17 -1.29 -12.86
C CYS A 444 29.06 -1.24 -11.80
N LEU A 445 27.80 -1.25 -12.27
CA LEU A 445 26.64 -1.22 -11.39
C LEU A 445 26.65 -2.43 -10.46
N SER A 446 26.95 -3.62 -11.01
CA SER A 446 27.02 -4.82 -10.19
C SER A 446 28.10 -4.70 -9.12
N ASP A 447 29.33 -4.31 -9.51
CA ASP A 447 30.44 -4.14 -8.56
C ASP A 447 29.97 -3.18 -7.48
N LEU A 448 29.30 -2.12 -7.93
CA LEU A 448 28.78 -1.12 -7.04
C LEU A 448 27.75 -1.68 -6.06
N LEU A 449 26.85 -2.52 -6.58
CA LEU A 449 25.82 -3.10 -5.72
C LEU A 449 26.34 -4.10 -4.74
N ASN A 450 27.35 -4.85 -5.13
CA ASN A 450 27.91 -5.83 -4.23
C ASN A 450 28.88 -5.23 -3.24
N SER A 451 29.50 -4.11 -3.61
CA SER A 451 30.44 -3.46 -2.69
C SER A 451 29.66 -3.08 -1.42
N MET A 452 28.33 -3.09 -1.52
CA MET A 452 27.43 -2.72 -0.43
C MET A 452 26.99 -3.81 0.54
N MET A 453 27.42 -5.05 0.29
CA MET A 453 27.03 -6.16 1.16
C MET A 453 28.04 -6.46 2.26
N ASN A 454 27.52 -6.78 3.44
CA ASN A 454 28.35 -7.14 4.58
C ASN A 454 29.44 -6.11 4.88
N ARG A 455 29.08 -4.88 5.18
CA ARG A 455 30.13 -3.91 5.48
C ARG A 455 29.95 -3.24 6.83
N ASP A 456 31.01 -3.24 7.63
CA ASP A 456 30.97 -2.64 8.96
C ASP A 456 30.50 -1.21 9.03
N LYS A 457 29.59 -0.94 9.95
CA LYS A 457 29.07 0.39 10.15
C LYS A 457 30.22 1.35 10.45
N ILE A 458 30.41 2.32 9.57
CA ILE A 458 31.47 3.29 9.75
C ILE A 458 30.83 4.61 10.21
N PRO A 459 31.46 5.32 11.16
CA PRO A 459 30.98 6.58 11.74
C PRO A 459 31.10 7.81 10.86
N ILE A 460 30.05 8.63 10.84
CA ILE A 460 30.16 9.85 10.06
C ILE A 460 30.98 10.78 10.96
N TYR A 461 32.21 11.05 10.53
CA TYR A 461 33.12 11.92 11.28
C TYR A 461 32.61 13.34 11.25
N SER A 462 32.30 13.80 10.04
CA SER A 462 31.78 15.14 9.81
C SER A 462 31.32 15.25 8.36
N HIS A 463 30.71 16.38 8.01
CA HIS A 463 30.24 16.58 6.65
C HIS A 463 30.19 18.04 6.19
N THR A 464 30.19 18.21 4.87
CA THR A 464 30.15 19.52 4.25
C THR A 464 28.69 20.02 4.09
N GLU A 465 28.51 21.25 3.65
CA GLU A 465 27.16 21.81 3.46
C GLU A 465 26.86 22.03 1.98
N ARG A 466 25.61 21.84 1.58
CA ARG A 466 25.23 22.05 0.19
C ARG A 466 25.43 23.54 -0.03
N ASP A 467 25.76 23.94 -1.26
CA ASP A 467 25.97 25.37 -1.53
C ASP A 467 24.66 26.15 -1.66
N LYS A 468 24.60 27.31 -1.01
CA LYS A 468 23.42 28.17 -1.05
C LYS A 468 23.09 28.67 -2.45
N LYS A 469 21.81 28.91 -2.73
CA LYS A 469 21.38 29.37 -4.05
C LYS A 469 20.17 30.33 -3.99
N PRO A 470 20.43 31.65 -3.97
CA PRO A 470 19.30 32.58 -3.92
C PRO A 470 18.58 32.56 -5.27
N GLY A 471 17.49 33.31 -5.39
CA GLY A 471 16.76 33.34 -6.65
C GLY A 471 15.42 34.07 -6.54
N ARG A 472 14.46 33.69 -7.37
CA ARG A 472 13.14 34.33 -7.34
C ARG A 472 11.96 33.39 -7.01
N HIS A 473 11.61 33.34 -5.73
CA HIS A 473 10.52 32.49 -5.21
C HIS A 473 9.13 32.91 -5.74
N GLY A 474 9.08 33.41 -6.97
CA GLY A 474 7.82 33.86 -7.54
C GLY A 474 6.67 32.88 -7.68
N PHE A 475 5.45 33.41 -7.90
CA PHE A 475 4.30 32.53 -8.05
C PHE A 475 3.01 33.10 -8.61
N ILE A 476 2.37 32.28 -9.45
CA ILE A 476 1.13 32.60 -10.12
C ILE A 476 -0.02 32.33 -9.22
N ASN A 477 -0.80 33.38 -9.00
CA ASN A 477 -1.96 33.27 -8.14
C ASN A 477 -3.15 33.20 -9.05
N ILE A 478 -3.92 32.14 -8.89
CA ILE A 478 -5.10 31.84 -9.66
C ILE A 478 -6.29 32.86 -9.66
N GLU A 479 -6.39 33.76 -8.67
CA GLU A 479 -7.48 34.74 -8.74
C GLU A 479 -7.12 36.23 -8.60
N LYS A 480 -6.08 36.56 -7.83
CA LYS A 480 -5.70 37.98 -7.62
C LYS A 480 -4.82 38.62 -8.70
N ASP A 481 -4.61 37.90 -9.81
CA ASP A 481 -3.83 38.36 -10.97
C ASP A 481 -2.39 38.89 -10.83
N ILE A 482 -1.56 38.25 -10.02
CA ILE A 482 -0.17 38.72 -9.89
C ILE A 482 0.81 37.59 -10.21
N ILE A 483 1.77 37.89 -11.10
CA ILE A 483 2.80 36.95 -11.58
C ILE A 483 4.20 37.29 -11.05
N VAL A 484 4.67 36.60 -10.00
CA VAL A 484 6.02 36.88 -9.50
C VAL A 484 7.00 35.96 -10.19
N PHE A 485 7.68 36.50 -11.19
CA PHE A 485 8.66 35.71 -11.92
C PHE A 485 8.19 34.33 -12.34
N ASN B 18 7.72 -43.25 45.53
CA ASN B 18 6.68 -43.35 44.46
C ASN B 18 7.20 -42.72 43.15
N ILE B 19 7.20 -43.50 42.07
CA ILE B 19 7.65 -43.02 40.76
C ILE B 19 7.04 -41.63 40.55
N THR B 20 5.75 -41.54 40.82
CA THR B 20 5.05 -40.30 40.68
C THR B 20 5.71 -39.21 41.52
N LEU B 21 5.94 -39.49 42.79
CA LEU B 21 6.55 -38.52 43.67
C LEU B 21 7.93 -38.08 43.16
N LYS B 22 8.64 -39.04 42.60
CA LYS B 22 9.99 -38.80 42.06
C LYS B 22 9.93 -37.93 40.81
N ILE B 23 8.80 -37.97 40.09
CA ILE B 23 8.64 -37.15 38.89
C ILE B 23 8.33 -35.73 39.33
N ILE B 24 7.35 -35.60 40.20
CA ILE B 24 6.97 -34.29 40.70
C ILE B 24 8.19 -33.64 41.33
N GLU B 25 8.91 -34.38 42.17
CA GLU B 25 10.11 -33.85 42.80
C GLU B 25 11.19 -33.39 41.80
N THR B 26 11.42 -34.19 40.77
CA THR B 26 12.38 -33.85 39.75
C THR B 26 12.02 -32.50 39.15
N TYR B 27 10.79 -32.44 38.65
CA TYR B 27 10.24 -31.26 38.01
C TYR B 27 10.31 -30.01 38.86
N LEU B 28 9.79 -30.07 40.09
CA LEU B 28 9.76 -28.90 40.99
C LEU B 28 11.11 -28.58 41.62
N GLY B 29 12.07 -29.48 41.41
CA GLY B 29 13.40 -29.27 41.96
C GLY B 29 13.32 -29.06 43.45
N ARG B 30 12.43 -29.80 44.10
CA ARG B 30 12.24 -29.68 45.54
C ARG B 30 11.28 -30.78 46.01
N VAL B 31 11.25 -31.04 47.31
CA VAL B 31 10.36 -32.09 47.81
C VAL B 31 8.91 -31.62 47.85
N PRO B 32 8.09 -32.19 46.99
CA PRO B 32 6.66 -31.86 46.88
C PRO B 32 5.87 -31.89 48.17
N SER B 33 5.26 -30.75 48.49
CA SER B 33 4.41 -30.60 49.68
C SER B 33 3.31 -31.68 49.63
N VAL B 34 2.46 -31.72 50.64
CA VAL B 34 1.41 -32.73 50.62
C VAL B 34 0.41 -32.25 49.61
N ASN B 35 0.27 -30.94 49.52
CA ASN B 35 -0.69 -30.36 48.60
C ASN B 35 -0.20 -30.45 47.16
N GLU B 36 1.06 -30.12 46.95
CA GLU B 36 1.63 -30.16 45.60
C GLU B 36 1.50 -31.56 45.02
N TYR B 37 1.60 -32.58 45.86
CA TYR B 37 1.47 -33.96 45.38
C TYR B 37 -0.01 -34.19 45.06
N HIS B 38 -0.89 -33.76 45.95
CA HIS B 38 -2.31 -33.96 45.75
C HIS B 38 -2.85 -33.29 44.50
N MET B 39 -2.40 -32.06 44.25
CA MET B 39 -2.86 -31.28 43.11
C MET B 39 -2.18 -31.59 41.79
N LEU B 40 -1.02 -32.23 41.82
CA LEU B 40 -0.27 -32.52 40.59
C LEU B 40 -0.17 -33.98 40.19
N LYS B 41 -0.69 -34.90 40.98
CA LYS B 41 -0.61 -36.32 40.65
C LYS B 41 -1.06 -36.63 39.22
N SER B 42 -2.32 -36.35 38.94
CA SER B 42 -2.90 -36.64 37.64
C SER B 42 -2.05 -36.17 36.46
N GLN B 43 -1.18 -35.20 36.70
CA GLN B 43 -0.37 -34.71 35.60
C GLN B 43 1.06 -35.29 35.48
N ALA B 44 1.29 -36.41 36.16
CA ALA B 44 2.57 -37.07 36.15
C ALA B 44 2.98 -37.37 34.75
N ARG B 45 2.04 -37.97 34.01
CA ARG B 45 2.20 -38.33 32.61
C ARG B 45 2.81 -37.15 31.86
N ASN B 46 2.09 -36.03 31.80
CA ASN B 46 2.56 -34.85 31.10
C ASN B 46 3.83 -34.27 31.65
N ILE B 47 3.90 -34.19 32.99
CA ILE B 47 5.05 -33.65 33.70
C ILE B 47 6.32 -34.44 33.37
N GLN B 48 6.21 -35.75 33.29
CA GLN B 48 7.37 -36.56 32.95
C GLN B 48 7.85 -36.19 31.55
N LYS B 49 6.95 -36.22 30.58
CA LYS B 49 7.30 -35.89 29.20
C LYS B 49 8.06 -34.59 29.13
N ILE B 50 7.72 -33.66 30.02
CA ILE B 50 8.38 -32.37 30.01
C ILE B 50 9.81 -32.51 30.48
N THR B 51 9.98 -33.28 31.54
CA THR B 51 11.30 -33.48 32.09
C THR B 51 12.25 -34.07 31.07
N VAL B 52 11.75 -35.05 30.35
CA VAL B 52 12.50 -35.78 29.33
C VAL B 52 12.74 -34.95 28.03
N PHE B 53 11.96 -33.92 27.83
CA PHE B 53 12.09 -33.11 26.63
C PHE B 53 13.53 -32.70 26.37
N ASN B 54 14.00 -32.89 25.15
CA ASN B 54 15.36 -32.48 24.81
C ASN B 54 15.36 -30.97 24.52
N LYS B 55 15.71 -30.17 25.52
CA LYS B 55 15.75 -28.71 25.39
C LYS B 55 16.81 -28.19 24.44
N ASP B 56 17.78 -29.02 24.09
CA ASP B 56 18.83 -28.56 23.20
C ASP B 56 18.30 -28.54 21.77
N ILE B 57 17.91 -29.70 21.24
CA ILE B 57 17.36 -29.78 19.91
C ILE B 57 16.29 -28.69 19.78
N PHE B 58 15.63 -28.35 20.89
CA PHE B 58 14.60 -27.32 20.91
C PHE B 58 15.23 -25.97 20.69
N VAL B 59 16.22 -25.65 21.53
CA VAL B 59 16.92 -24.39 21.46
C VAL B 59 17.42 -24.19 20.04
N SER B 60 17.66 -25.30 19.36
CA SER B 60 18.13 -25.30 17.98
C SER B 60 17.09 -24.66 17.08
N LEU B 61 15.93 -25.32 17.03
CA LEU B 61 14.80 -24.88 16.22
C LEU B 61 14.42 -23.42 16.50
N VAL B 62 14.46 -23.01 17.76
CA VAL B 62 14.11 -21.63 18.04
C VAL B 62 15.08 -20.70 17.34
N LYS B 63 16.34 -21.12 17.25
CA LYS B 63 17.33 -20.29 16.60
C LYS B 63 17.26 -20.41 15.09
N LYS B 64 16.84 -21.58 14.61
CA LYS B 64 16.70 -21.80 13.16
C LYS B 64 15.51 -21.01 12.65
N ASN B 65 14.63 -20.58 13.55
CA ASN B 65 13.48 -19.78 13.18
C ASN B 65 13.86 -18.33 13.31
N LYS B 66 14.79 -18.05 14.23
CA LYS B 66 15.25 -16.69 14.46
C LYS B 66 15.89 -16.14 13.21
N LYS B 67 16.96 -16.77 12.76
CA LYS B 67 17.68 -16.34 11.55
C LYS B 67 16.89 -16.63 10.29
N ARG B 68 15.66 -17.14 10.44
CA ARG B 68 14.81 -17.45 9.30
C ARG B 68 13.65 -16.46 9.11
N PHE B 69 13.13 -15.90 10.21
CA PHE B 69 12.01 -14.97 10.10
C PHE B 69 12.15 -13.74 10.98
N PHE B 70 13.16 -13.75 11.85
CA PHE B 70 13.38 -12.61 12.71
C PHE B 70 14.86 -12.31 12.70
N SER B 71 15.51 -12.67 11.60
CA SER B 71 16.93 -12.44 11.45
C SER B 71 17.30 -11.00 11.79
N ASP B 72 16.33 -10.09 11.71
CA ASP B 72 16.58 -8.67 12.00
C ASP B 72 16.55 -8.32 13.50
N VAL B 73 16.95 -9.24 14.37
CA VAL B 73 16.92 -8.94 15.80
C VAL B 73 18.20 -9.20 16.61
N ASN B 74 18.47 -8.26 17.53
CA ASN B 74 19.63 -8.28 18.41
C ASN B 74 19.53 -9.40 19.46
N THR B 75 20.08 -10.57 19.17
CA THR B 75 20.05 -11.66 20.13
C THR B 75 21.06 -12.79 19.87
N SER B 76 21.85 -13.10 20.91
CA SER B 76 22.87 -14.16 20.85
C SER B 76 22.19 -15.52 21.01
N ALA B 77 22.76 -16.54 20.37
CA ALA B 77 22.21 -17.89 20.45
C ALA B 77 22.29 -18.36 21.91
N SER B 78 22.60 -17.42 22.80
CA SER B 78 22.69 -17.69 24.23
C SER B 78 21.55 -17.02 24.96
N GLU B 79 21.36 -15.73 24.66
CA GLU B 79 20.31 -14.96 25.28
C GLU B 79 19.00 -15.72 25.13
N ILE B 80 18.87 -16.40 23.98
CA ILE B 80 17.69 -17.19 23.67
C ILE B 80 17.62 -18.46 24.52
N LYS B 81 18.67 -19.27 24.46
CA LYS B 81 18.73 -20.52 25.21
C LYS B 81 18.55 -20.22 26.70
N ASP B 82 18.94 -19.01 27.07
CA ASP B 82 18.87 -18.52 28.44
C ASP B 82 17.41 -18.34 28.85
N ARG B 83 16.62 -17.75 27.96
CA ARG B 83 15.21 -17.54 28.24
C ARG B 83 14.52 -18.88 28.25
N ILE B 84 14.88 -19.70 27.28
CA ILE B 84 14.28 -21.01 27.16
C ILE B 84 14.50 -21.88 28.38
N LEU B 85 15.74 -21.98 28.82
CA LEU B 85 16.10 -22.80 29.95
C LEU B 85 15.48 -22.29 31.24
N SER B 86 15.29 -20.99 31.33
CA SER B 86 14.67 -20.42 32.51
C SER B 86 13.22 -20.82 32.57
N TYR B 87 12.53 -20.71 31.43
CA TYR B 87 11.13 -21.06 31.38
C TYR B 87 10.94 -22.51 31.74
N PHE B 88 11.79 -23.38 31.23
CA PHE B 88 11.64 -24.79 31.57
C PHE B 88 12.12 -25.09 32.98
N SER B 89 12.31 -24.05 33.79
CA SER B 89 12.75 -24.22 35.17
C SER B 89 11.98 -23.32 36.11
N LYS B 90 11.09 -22.49 35.56
CA LYS B 90 10.38 -21.57 36.41
C LYS B 90 9.38 -22.25 37.32
N GLN B 91 9.14 -23.53 37.08
CA GLN B 91 8.21 -24.28 37.91
C GLN B 91 8.83 -24.46 39.28
N THR B 92 10.12 -24.16 39.38
CA THR B 92 10.85 -24.29 40.62
C THR B 92 10.57 -23.09 41.51
N GLN B 93 10.71 -21.90 40.96
CA GLN B 93 10.44 -20.70 41.73
C GLN B 93 8.97 -20.35 41.77
N THR B 94 8.09 -21.35 41.74
CA THR B 94 6.65 -21.09 41.76
C THR B 94 5.98 -21.96 42.79
N TYR B 95 5.16 -21.36 43.64
CA TYR B 95 4.53 -22.16 44.68
C TYR B 95 3.02 -22.14 44.58
N ASN B 96 2.51 -21.14 43.85
CA ASN B 96 1.07 -21.00 43.64
C ASN B 96 0.60 -22.15 42.76
N ILE B 97 -0.27 -22.99 43.31
CA ILE B 97 -0.76 -24.14 42.59
C ILE B 97 -1.20 -23.78 41.19
N GLY B 98 -2.20 -22.89 41.12
CA GLY B 98 -2.74 -22.46 39.85
C GLY B 98 -1.66 -22.05 38.86
N LYS B 99 -0.68 -21.28 39.29
CA LYS B 99 0.36 -20.84 38.37
C LYS B 99 1.26 -21.99 37.92
N LEU B 100 1.32 -23.04 38.72
CA LEU B 100 2.12 -24.21 38.37
C LEU B 100 1.36 -24.90 37.28
N PHE B 101 0.04 -24.98 37.41
CA PHE B 101 -0.81 -25.59 36.37
C PHE B 101 -0.59 -24.95 34.99
N THR B 102 -0.49 -23.62 34.95
CA THR B 102 -0.28 -22.92 33.71
C THR B 102 1.03 -23.30 33.07
N ILE B 103 2.09 -23.30 33.87
CA ILE B 103 3.42 -23.63 33.40
C ILE B 103 3.44 -25.05 32.82
N ILE B 104 2.77 -25.97 33.51
CA ILE B 104 2.71 -27.33 33.03
C ILE B 104 1.97 -27.36 31.69
N GLU B 105 0.81 -26.68 31.64
CA GLU B 105 -0.01 -26.61 30.44
C GLU B 105 0.70 -25.97 29.25
N LEU B 106 1.31 -24.80 29.44
CA LEU B 106 1.98 -24.19 28.30
C LEU B 106 3.27 -24.90 27.95
N GLN B 107 3.90 -25.56 28.93
CA GLN B 107 5.11 -26.33 28.64
C GLN B 107 4.76 -27.58 27.82
N SER B 108 3.65 -28.22 28.16
CA SER B 108 3.22 -29.42 27.46
C SER B 108 2.96 -29.09 26.01
N VAL B 109 2.32 -27.96 25.80
CA VAL B 109 2.00 -27.57 24.45
C VAL B 109 3.28 -27.43 23.68
N LEU B 110 4.25 -26.74 24.27
CA LEU B 110 5.53 -26.59 23.61
C LEU B 110 6.17 -27.96 23.33
N VAL B 111 6.37 -28.74 24.35
CA VAL B 111 6.97 -30.09 24.21
C VAL B 111 6.27 -31.05 23.25
N THR B 112 4.95 -31.00 23.19
CA THR B 112 4.23 -31.93 22.36
C THR B 112 3.82 -31.45 20.96
N THR B 113 3.98 -30.16 20.69
CA THR B 113 3.59 -29.62 19.39
C THR B 113 4.57 -28.68 18.70
N TYR B 114 5.42 -28.00 19.45
CA TYR B 114 6.33 -27.04 18.82
C TYR B 114 7.02 -27.56 17.58
N THR B 115 7.67 -28.71 17.70
CA THR B 115 8.40 -29.30 16.59
C THR B 115 7.53 -29.53 15.38
N ASP B 116 6.37 -30.16 15.58
CA ASP B 116 5.47 -30.45 14.46
C ASP B 116 4.88 -29.20 13.83
N ILE B 117 4.79 -28.12 14.61
CA ILE B 117 4.20 -26.88 14.13
C ILE B 117 5.15 -25.82 13.61
N LEU B 118 6.11 -25.37 14.40
CA LEU B 118 7.04 -24.35 13.91
C LEU B 118 8.37 -24.98 13.58
N GLY B 119 8.57 -26.20 14.09
CA GLY B 119 9.82 -26.88 13.84
C GLY B 119 9.94 -27.26 12.38
N VAL B 120 8.78 -27.56 11.78
CA VAL B 120 8.70 -27.97 10.39
C VAL B 120 9.15 -26.87 9.44
N LEU B 121 9.28 -25.65 9.94
CA LEU B 121 9.66 -24.51 9.12
C LEU B 121 11.18 -24.29 9.04
N THR B 122 11.96 -25.33 9.24
CA THR B 122 13.40 -25.19 9.17
C THR B 122 13.93 -26.33 8.30
N ILE B 123 13.01 -26.94 7.58
CA ILE B 123 13.36 -27.98 6.65
C ILE B 123 12.84 -27.43 5.31
N LYS B 124 13.78 -27.03 4.44
CA LYS B 124 13.44 -26.46 3.14
C LYS B 124 12.63 -27.42 2.28
N ALA B 125 11.54 -26.89 1.71
CA ALA B 125 10.63 -27.64 0.84
C ALA B 125 11.14 -27.59 -0.59
N PRO B 126 10.70 -28.53 -1.45
CA PRO B 126 11.15 -28.55 -2.84
C PRO B 126 10.92 -27.17 -3.41
N ASN B 127 11.99 -26.50 -3.83
CA ASN B 127 11.82 -25.17 -4.38
C ASN B 127 10.40 -25.14 -4.91
N VAL B 128 9.57 -24.38 -4.22
CA VAL B 128 8.19 -24.25 -4.61
C VAL B 128 8.26 -23.11 -5.58
N ILE B 129 7.43 -23.16 -6.62
CA ILE B 129 7.53 -22.08 -7.55
C ILE B 129 6.41 -21.11 -7.78
N SER B 130 6.84 -19.87 -7.64
CA SER B 130 6.02 -18.70 -7.84
C SER B 130 4.92 -19.01 -8.91
N SER B 131 3.64 -19.13 -8.50
CA SER B 131 2.53 -19.40 -9.46
C SER B 131 1.84 -18.07 -9.69
N LYS B 132 1.49 -17.70 -10.92
CA LYS B 132 0.86 -16.37 -11.05
C LYS B 132 -0.15 -16.00 -12.15
N ILE B 133 -0.51 -16.91 -13.08
CA ILE B 133 -1.48 -16.48 -14.11
C ILE B 133 -2.73 -15.88 -13.46
N SER B 134 -3.18 -14.77 -14.03
CA SER B 134 -4.36 -14.05 -13.54
C SER B 134 -5.53 -14.08 -14.52
N TYR B 135 -6.59 -13.37 -14.15
CA TYR B 135 -7.81 -13.26 -14.95
C TYR B 135 -7.86 -11.83 -15.50
N ASN B 136 -8.90 -11.45 -16.22
CA ASN B 136 -8.96 -10.10 -16.78
C ASN B 136 -9.48 -9.04 -15.81
N VAL B 137 -8.79 -8.83 -14.68
CA VAL B 137 -9.29 -7.89 -13.68
C VAL B 137 -9.20 -6.40 -14.05
N THR B 138 -9.47 -6.10 -15.32
CA THR B 138 -9.40 -4.70 -15.78
C THR B 138 -10.73 -4.28 -16.42
N SER B 139 -11.34 -5.23 -17.13
CA SER B 139 -12.63 -5.02 -17.79
C SER B 139 -13.65 -4.81 -16.69
N MET B 140 -13.33 -5.43 -15.57
CA MET B 140 -14.14 -5.40 -14.38
C MET B 140 -13.80 -4.28 -13.43
N GLU B 141 -12.70 -3.57 -13.67
CA GLU B 141 -12.32 -2.48 -12.77
C GLU B 141 -13.36 -1.38 -12.73
N GLU B 142 -13.99 -1.09 -13.85
CA GLU B 142 -15.01 -0.03 -13.89
C GLU B 142 -16.33 -0.54 -13.26
N LEU B 143 -16.72 -1.77 -13.64
CA LEU B 143 -17.93 -2.45 -13.15
C LEU B 143 -18.00 -2.47 -11.64
N ALA B 144 -16.84 -2.72 -11.05
CA ALA B 144 -16.73 -2.75 -9.63
C ALA B 144 -16.89 -1.32 -9.18
N ARG B 145 -16.06 -0.42 -9.71
CA ARG B 145 -16.15 0.99 -9.33
C ARG B 145 -17.57 1.50 -9.34
N ASP B 146 -18.39 0.97 -10.25
CA ASP B 146 -19.79 1.36 -10.36
C ASP B 146 -20.58 0.90 -9.15
N MET B 147 -20.64 -0.41 -8.94
CA MET B 147 -21.35 -1.00 -7.83
C MET B 147 -21.02 -0.33 -6.50
N LEU B 148 -19.73 -0.12 -6.26
CA LEU B 148 -19.24 0.51 -5.04
C LEU B 148 -19.69 1.95 -4.82
N ASN B 149 -19.97 2.65 -5.90
CA ASN B 149 -20.41 4.02 -5.76
C ASN B 149 -21.85 4.13 -5.33
N SER B 150 -22.70 3.28 -5.91
CA SER B 150 -24.10 3.27 -5.56
C SER B 150 -24.16 3.13 -4.03
N MET B 151 -23.12 2.52 -3.46
CA MET B 151 -23.07 2.25 -2.04
C MET B 151 -22.39 3.26 -1.17
N ASN B 152 -21.48 4.03 -1.75
CA ASN B 152 -20.79 4.99 -0.89
C ASN B 152 -21.73 6.07 -0.42
N VAL B 153 -22.48 5.79 0.65
CA VAL B 153 -23.43 6.80 1.15
C VAL B 153 -23.36 7.12 2.64
N ALA B 154 -22.26 6.79 3.31
CA ALA B 154 -22.17 7.05 4.74
C ALA B 154 -21.86 8.48 5.18
N VAL B 155 -21.52 8.64 6.47
CA VAL B 155 -21.20 9.91 7.17
C VAL B 155 -21.49 11.16 6.36
N VAL B 167 -0.06 -1.86 16.22
CA VAL B 167 0.62 -2.67 15.21
C VAL B 167 2.14 -2.69 15.44
N SER B 168 2.64 -3.85 15.87
CA SER B 168 4.05 -4.09 16.16
C SER B 168 4.94 -4.13 14.91
N SER B 169 6.26 -4.13 15.10
CA SER B 169 7.19 -4.18 13.98
C SER B 169 7.48 -5.64 13.56
N LEU B 170 6.99 -6.57 14.37
CA LEU B 170 7.17 -8.00 14.16
C LEU B 170 6.23 -8.52 13.07
N VAL B 171 5.16 -7.78 12.83
CA VAL B 171 4.19 -8.17 11.80
C VAL B 171 4.81 -8.53 10.43
N LYS B 172 5.81 -7.79 9.99
CA LYS B 172 6.46 -8.10 8.74
C LYS B 172 7.09 -9.51 8.86
N ASN B 173 7.75 -9.77 9.98
CA ASN B 173 8.38 -11.04 10.22
C ASN B 173 7.33 -12.15 10.35
N VAL B 174 6.26 -11.88 11.09
CA VAL B 174 5.23 -12.87 11.31
C VAL B 174 4.47 -13.18 10.05
N ASN B 175 4.13 -12.18 9.25
CA ASN B 175 3.44 -12.45 7.98
C ASN B 175 4.36 -13.30 7.07
N LYS B 176 5.65 -13.00 7.10
CA LYS B 176 6.59 -13.76 6.30
C LYS B 176 6.50 -15.24 6.72
N LEU B 177 6.34 -15.50 8.03
CA LEU B 177 6.23 -16.87 8.54
C LEU B 177 4.94 -17.55 8.07
N MET B 178 3.86 -16.77 7.98
CA MET B 178 2.58 -17.31 7.54
C MET B 178 2.60 -17.71 6.08
N GLU B 179 3.40 -16.96 5.30
CA GLU B 179 3.57 -17.24 3.88
C GLU B 179 4.05 -18.66 3.77
N GLU B 180 4.97 -19.06 4.64
CA GLU B 180 5.49 -20.42 4.64
C GLU B 180 4.58 -21.35 5.37
N TYR B 181 4.18 -20.96 6.58
CA TYR B 181 3.32 -21.83 7.37
C TYR B 181 2.15 -22.36 6.52
N LEU B 182 1.55 -21.47 5.73
CA LEU B 182 0.41 -21.85 4.91
C LEU B 182 0.80 -22.99 3.96
N ARG B 183 1.99 -22.88 3.41
CA ARG B 183 2.50 -23.90 2.53
C ARG B 183 2.76 -25.21 3.28
N ARG B 184 3.24 -25.11 4.51
CA ARG B 184 3.51 -26.31 5.28
C ARG B 184 2.31 -26.90 6.02
N HIS B 185 1.19 -26.20 6.13
CA HIS B 185 0.03 -26.76 6.85
C HIS B 185 -1.28 -26.53 6.11
N ASN B 186 -1.39 -27.09 4.90
CA ASN B 186 -2.59 -26.91 4.10
C ASN B 186 -3.83 -27.49 4.71
N LYS B 187 -3.69 -28.63 5.38
CA LYS B 187 -4.90 -29.25 5.91
C LYS B 187 -5.46 -28.72 7.23
N SER B 188 -4.69 -27.85 7.90
CA SER B 188 -5.15 -27.31 9.17
C SER B 188 -5.27 -25.78 9.20
N CYS B 189 -4.80 -25.14 8.14
CA CYS B 189 -4.83 -23.70 8.09
C CYS B 189 -5.06 -23.15 6.69
N ILE B 190 -6.21 -22.54 6.43
CA ILE B 190 -6.46 -21.96 5.12
C ILE B 190 -6.58 -20.43 5.18
N CYS B 191 -6.43 -19.82 4.02
CA CYS B 191 -6.40 -18.39 3.87
C CYS B 191 -7.60 -17.67 3.18
N TYR B 192 -7.76 -16.39 3.48
CA TYR B 192 -8.82 -15.57 2.86
C TYR B 192 -8.39 -14.12 2.91
N GLY B 193 -9.23 -13.20 2.44
CA GLY B 193 -8.83 -11.79 2.46
C GLY B 193 -7.72 -11.28 1.52
N SER B 194 -7.24 -10.07 1.82
CA SER B 194 -6.21 -9.37 1.02
C SER B 194 -5.25 -10.30 0.30
N TYR B 195 -4.44 -11.00 1.09
CA TYR B 195 -3.42 -11.92 0.62
C TYR B 195 -3.96 -13.06 -0.19
N SER B 196 -5.12 -13.58 0.19
CA SER B 196 -5.65 -14.68 -0.58
C SER B 196 -5.98 -14.18 -2.02
N LEU B 197 -6.36 -12.91 -2.16
CA LEU B 197 -6.67 -12.40 -3.49
C LEU B 197 -5.42 -11.89 -4.20
N TYR B 198 -4.36 -11.57 -3.44
CA TYR B 198 -3.06 -11.14 -3.99
C TYR B 198 -2.48 -12.36 -4.73
N LEU B 199 -2.87 -13.55 -4.30
CA LEU B 199 -2.40 -14.78 -4.92
C LEU B 199 -3.11 -15.01 -6.23
N ILE B 200 -4.07 -14.16 -6.56
CA ILE B 200 -4.80 -14.30 -7.83
C ILE B 200 -4.48 -13.10 -8.73
N ASN B 201 -4.38 -11.93 -8.12
CA ASN B 201 -4.07 -10.64 -8.76
C ASN B 201 -2.95 -10.09 -7.89
N PRO B 202 -1.71 -10.14 -8.38
CA PRO B 202 -0.58 -9.63 -7.61
C PRO B 202 -0.56 -8.15 -7.34
N ASN B 203 -1.48 -7.40 -7.93
CA ASN B 203 -1.48 -5.97 -7.67
C ASN B 203 -2.26 -5.54 -6.42
N ILE B 204 -2.94 -6.49 -5.79
CA ILE B 204 -3.70 -6.22 -4.57
C ILE B 204 -2.73 -5.97 -3.42
N ARG B 205 -2.74 -4.76 -2.86
CA ARG B 205 -1.88 -4.54 -1.73
C ARG B 205 -2.42 -5.44 -0.65
N TYR B 206 -1.55 -6.02 0.15
CA TYR B 206 -1.99 -6.86 1.25
C TYR B 206 -1.17 -6.59 2.55
N GLY B 207 -1.82 -6.79 3.70
CA GLY B 207 -1.17 -6.58 4.97
C GLY B 207 -1.14 -7.81 5.85
N ASP B 208 -2.12 -7.91 6.75
CA ASP B 208 -2.22 -9.04 7.65
C ASP B 208 -2.84 -10.15 6.86
N ILE B 209 -2.45 -11.38 7.18
CA ILE B 209 -2.95 -12.55 6.48
C ILE B 209 -4.07 -13.26 7.22
N ASP B 210 -5.30 -13.13 6.72
CA ASP B 210 -6.48 -13.73 7.34
C ASP B 210 -6.52 -15.27 7.25
N ILE B 211 -6.58 -15.93 8.39
CA ILE B 211 -6.55 -17.38 8.38
C ILE B 211 -7.58 -18.03 9.25
N LEU B 212 -7.83 -19.30 8.95
CA LEU B 212 -8.76 -20.15 9.68
C LEU B 212 -7.92 -21.37 10.04
N GLN B 213 -8.05 -21.86 11.27
CA GLN B 213 -7.27 -23.01 11.66
C GLN B 213 -8.15 -23.89 12.51
N THR B 214 -7.72 -25.15 12.62
CA THR B 214 -8.42 -26.14 13.41
C THR B 214 -7.65 -26.28 14.70
N ASN B 215 -6.51 -25.59 14.74
CA ASN B 215 -5.63 -25.55 15.90
C ASN B 215 -5.14 -24.11 16.16
N SER B 216 -6.04 -23.13 16.19
CA SER B 216 -5.62 -21.76 16.42
C SER B 216 -4.76 -21.60 17.68
N ARG B 217 -5.28 -22.06 18.81
CA ARG B 217 -4.59 -21.89 20.07
C ARG B 217 -3.24 -22.54 20.13
N THR B 218 -3.16 -23.77 19.68
CA THR B 218 -1.90 -24.49 19.67
C THR B 218 -0.88 -23.67 18.87
N PHE B 219 -1.29 -23.17 17.72
CA PHE B 219 -0.42 -22.37 16.85
C PHE B 219 -0.01 -21.05 17.51
N LEU B 220 -0.99 -20.27 17.95
CA LEU B 220 -0.68 -18.99 18.59
C LEU B 220 0.15 -19.14 19.86
N ILE B 221 0.01 -20.26 20.56
CA ILE B 221 0.80 -20.47 21.78
C ILE B 221 2.24 -20.77 21.40
N ASP B 222 2.43 -21.63 20.40
CA ASP B 222 3.76 -21.96 19.88
C ASP B 222 4.47 -20.71 19.27
N LEU B 223 3.74 -19.89 18.54
CA LEU B 223 4.38 -18.73 17.94
C LEU B 223 4.68 -17.68 18.99
N ALA B 224 3.79 -17.60 19.97
CA ALA B 224 3.93 -16.63 21.08
C ALA B 224 5.23 -16.90 21.80
N PHE B 225 5.56 -18.17 21.98
CA PHE B 225 6.79 -18.53 22.63
C PHE B 225 7.99 -18.23 21.75
N LEU B 226 7.90 -18.64 20.49
CA LEU B 226 8.98 -18.41 19.54
C LEU B 226 9.42 -16.96 19.67
N ILE B 227 8.44 -16.07 19.67
CA ILE B 227 8.67 -14.62 19.81
C ILE B 227 9.32 -14.20 21.14
N LYS B 228 8.71 -14.54 22.28
CA LYS B 228 9.29 -14.21 23.57
C LYS B 228 10.72 -14.75 23.64
N PHE B 229 10.94 -16.00 23.27
CA PHE B 229 12.28 -16.59 23.28
C PHE B 229 13.28 -15.74 22.50
N ILE B 230 13.00 -15.51 21.22
CA ILE B 230 13.85 -14.70 20.35
C ILE B 230 13.88 -13.29 20.89
N THR B 231 12.79 -12.58 20.66
CA THR B 231 12.57 -11.20 21.07
C THR B 231 12.92 -10.84 22.51
N GLY B 232 12.56 -11.69 23.46
CA GLY B 232 12.83 -11.37 24.84
C GLY B 232 11.69 -10.57 25.45
N ASN B 233 10.78 -10.09 24.61
CA ASN B 233 9.65 -9.31 25.11
C ASN B 233 8.38 -10.14 25.21
N ASN B 234 7.84 -10.24 26.42
CA ASN B 234 6.63 -11.01 26.67
C ASN B 234 5.42 -10.55 25.86
N ILE B 235 4.66 -11.50 25.31
CA ILE B 235 3.46 -11.17 24.54
C ILE B 235 2.25 -11.80 25.20
N ILE B 236 1.07 -11.30 24.82
CA ILE B 236 -0.16 -11.81 25.41
C ILE B 236 -1.17 -12.33 24.42
N LEU B 237 -1.55 -13.60 24.64
CA LEU B 237 -2.54 -14.31 23.82
C LEU B 237 -3.85 -13.94 24.47
N SER B 238 -4.68 -13.23 23.74
CA SER B 238 -5.97 -12.77 24.22
C SER B 238 -7.12 -13.41 23.41
N LYS B 239 -8.29 -13.55 24.03
CA LYS B 239 -9.43 -14.11 23.32
C LYS B 239 -10.56 -13.10 23.33
N ILE B 240 -11.01 -12.67 22.16
CA ILE B 240 -12.11 -11.73 22.13
C ILE B 240 -13.35 -12.59 22.05
N PRO B 241 -14.35 -12.26 22.88
CA PRO B 241 -15.66 -12.91 23.05
C PRO B 241 -16.79 -12.67 22.03
N TYR B 242 -16.90 -11.44 21.53
CA TYR B 242 -17.92 -11.07 20.53
C TYR B 242 -17.85 -12.07 19.39
N LEU B 243 -16.62 -12.30 18.97
CA LEU B 243 -16.26 -13.19 17.87
C LEU B 243 -16.24 -14.69 18.22
N ARG B 244 -16.51 -15.49 17.19
CA ARG B 244 -16.57 -16.94 17.32
C ARG B 244 -15.19 -17.58 17.28
N ASN B 245 -14.65 -17.94 18.44
CA ASN B 245 -13.33 -18.58 18.55
C ASN B 245 -12.21 -17.70 18.01
N TYR B 246 -12.29 -16.42 18.29
CA TYR B 246 -11.28 -15.53 17.79
C TYR B 246 -10.19 -15.46 18.82
N MET B 247 -8.96 -15.26 18.37
CA MET B 247 -7.82 -15.17 19.27
C MET B 247 -6.75 -14.34 18.66
N VAL B 248 -6.09 -13.53 19.47
CA VAL B 248 -5.02 -12.70 18.95
C VAL B 248 -3.83 -12.62 19.90
N ILE B 249 -2.63 -12.40 19.36
CA ILE B 249 -1.45 -12.23 20.21
C ILE B 249 -0.90 -10.84 20.01
N LYS B 250 -0.84 -10.09 21.10
CA LYS B 250 -0.34 -8.73 21.08
C LYS B 250 0.94 -8.68 21.85
N ASP B 251 1.50 -7.49 21.99
CA ASP B 251 2.74 -7.31 22.76
C ASP B 251 2.44 -6.50 24.02
N GLU B 252 3.44 -6.44 24.89
CA GLU B 252 3.32 -5.74 26.16
C GLU B 252 2.56 -4.43 26.03
N ASN B 253 2.80 -3.74 24.92
CA ASN B 253 2.16 -2.46 24.63
C ASN B 253 0.80 -2.51 23.96
N ASP B 254 0.17 -3.68 23.91
CA ASP B 254 -1.17 -3.79 23.33
C ASP B 254 -1.20 -3.62 21.80
N ASN B 255 -0.10 -3.94 21.12
CA ASN B 255 -0.07 -3.82 19.67
C ASN B 255 -0.34 -5.15 19.00
N HIS B 256 -1.25 -5.14 18.03
CA HIS B 256 -1.64 -6.33 17.26
C HIS B 256 -0.48 -6.99 16.50
N ILE B 257 -0.33 -8.30 16.67
CA ILE B 257 0.73 -9.04 15.99
C ILE B 257 0.12 -9.95 14.92
N ILE B 258 -0.68 -10.89 15.37
CA ILE B 258 -1.32 -11.81 14.45
C ILE B 258 -2.53 -12.45 15.11
N ASP B 259 -3.64 -12.57 14.38
CA ASP B 259 -4.83 -13.18 14.96
C ASP B 259 -5.22 -14.47 14.23
N SER B 260 -6.39 -15.03 14.54
CA SER B 260 -6.85 -16.25 13.89
C SER B 260 -8.20 -16.75 14.39
N PHE B 261 -9.00 -17.32 13.50
CA PHE B 261 -10.29 -17.87 13.89
C PHE B 261 -10.19 -19.40 13.88
N ASN B 262 -10.75 -20.04 14.90
CA ASN B 262 -10.70 -21.49 14.96
C ASN B 262 -12.02 -22.07 14.51
N ILE B 263 -11.93 -23.20 13.80
CA ILE B 263 -13.08 -23.91 13.30
C ILE B 263 -12.82 -25.38 13.45
N ARG B 264 -13.92 -26.17 13.45
CA ARG B 264 -13.87 -27.61 13.60
C ARG B 264 -13.41 -28.21 12.28
N GLN B 265 -12.95 -29.47 12.32
CA GLN B 265 -12.55 -30.16 11.11
C GLN B 265 -13.82 -30.28 10.27
N ASP B 266 -14.92 -30.44 11.00
CA ASP B 266 -16.29 -30.53 10.52
C ASP B 266 -16.52 -29.41 9.49
N THR B 267 -16.36 -28.17 9.98
CA THR B 267 -16.51 -26.93 9.21
C THR B 267 -15.40 -26.74 8.19
N MET B 268 -14.17 -27.02 8.58
CA MET B 268 -13.05 -26.88 7.67
C MET B 268 -13.33 -27.64 6.39
N ASN B 269 -13.77 -28.89 6.53
CA ASN B 269 -14.06 -29.75 5.41
C ASN B 269 -15.08 -29.19 4.45
N VAL B 270 -16.09 -28.50 4.96
CA VAL B 270 -17.15 -27.96 4.10
C VAL B 270 -16.91 -26.59 3.50
N VAL B 271 -15.87 -25.89 3.94
CA VAL B 271 -15.57 -24.56 3.40
C VAL B 271 -15.06 -24.62 1.96
N PRO B 272 -15.66 -23.83 1.08
CA PRO B 272 -15.28 -23.76 -0.35
C PRO B 272 -13.79 -23.40 -0.49
N LYS B 273 -13.04 -24.24 -1.19
CA LYS B 273 -11.60 -24.01 -1.34
C LYS B 273 -11.02 -24.00 -2.74
N ILE B 274 -9.87 -23.36 -2.87
CA ILE B 274 -9.11 -23.27 -4.10
C ILE B 274 -7.65 -23.54 -3.70
N PHE B 275 -6.90 -24.24 -4.56
CA PHE B 275 -5.53 -24.57 -4.26
C PHE B 275 -4.47 -23.80 -5.11
N ILE B 276 -4.01 -22.65 -4.63
CA ILE B 276 -3.00 -21.88 -5.37
C ILE B 276 -1.63 -22.08 -4.72
N ASP B 277 -0.64 -22.33 -5.57
CA ASP B 277 0.72 -22.59 -5.12
C ASP B 277 0.95 -23.08 -3.69
N ASN B 278 0.50 -24.30 -3.43
CA ASN B 278 0.67 -24.94 -2.14
C ASN B 278 -0.13 -24.46 -0.95
N ILE B 279 -1.14 -23.64 -1.18
CA ILE B 279 -1.96 -23.23 -0.06
C ILE B 279 -3.43 -23.30 -0.48
N TYR B 280 -4.33 -23.36 0.50
CA TYR B 280 -5.76 -23.35 0.22
C TYR B 280 -6.24 -21.95 0.53
N ILE B 281 -7.12 -21.40 -0.30
CA ILE B 281 -7.67 -20.10 -0.03
C ILE B 281 -9.16 -20.26 -0.08
N VAL B 282 -9.89 -19.49 0.71
CA VAL B 282 -11.32 -19.68 0.66
C VAL B 282 -11.70 -19.32 -0.79
N ASP B 283 -12.64 -20.08 -1.34
CA ASP B 283 -13.03 -19.81 -2.70
C ASP B 283 -13.41 -18.36 -2.90
N PRO B 284 -12.80 -17.69 -3.89
CA PRO B 284 -13.14 -16.28 -4.11
C PRO B 284 -14.62 -16.06 -4.34
N THR B 285 -15.33 -17.08 -4.82
CA THR B 285 -16.76 -16.99 -5.06
C THR B 285 -17.40 -16.73 -3.70
N PHE B 286 -17.00 -17.51 -2.68
CA PHE B 286 -17.51 -17.36 -1.31
C PHE B 286 -17.10 -16.03 -0.67
N GLN B 287 -15.88 -15.59 -0.91
CA GLN B 287 -15.41 -14.34 -0.33
C GLN B 287 -16.22 -13.15 -0.88
N LEU B 288 -16.58 -13.24 -2.15
CA LEU B 288 -17.34 -12.18 -2.77
C LEU B 288 -18.67 -12.06 -2.04
N LEU B 289 -19.31 -13.21 -1.83
CA LEU B 289 -20.57 -13.34 -1.12
C LEU B 289 -20.47 -12.64 0.25
N ASN B 290 -19.41 -12.96 0.99
CA ASN B 290 -19.19 -12.38 2.31
C ASN B 290 -19.08 -10.87 2.25
N MET B 291 -18.24 -10.38 1.35
CA MET B 291 -18.04 -8.96 1.15
C MET B 291 -19.34 -8.18 0.84
N ILE B 292 -20.36 -8.85 0.30
CA ILE B 292 -21.64 -8.20 -0.01
C ILE B 292 -22.46 -8.06 1.27
N LYS B 293 -22.26 -9.02 2.17
CA LYS B 293 -22.91 -9.04 3.45
C LYS B 293 -22.26 -7.92 4.27
N MET B 294 -20.94 -7.91 4.29
CA MET B 294 -20.18 -6.91 5.02
C MET B 294 -20.57 -5.42 4.70
N PHE B 295 -21.09 -5.20 3.51
CA PHE B 295 -21.46 -3.85 3.12
C PHE B 295 -22.66 -3.34 3.87
N SER B 296 -23.39 -4.26 4.52
CA SER B 296 -24.59 -3.92 5.29
C SER B 296 -24.14 -3.21 6.59
N GLN B 297 -23.06 -3.72 7.14
CA GLN B 297 -22.42 -3.19 8.35
C GLN B 297 -22.00 -1.76 8.14
N ILE B 298 -22.70 -0.84 8.79
CA ILE B 298 -22.47 0.60 8.69
C ILE B 298 -21.02 1.07 8.81
N ASP B 299 -20.20 0.31 9.51
CA ASP B 299 -18.80 0.67 9.69
C ASP B 299 -18.03 0.51 8.39
N ARG B 300 -18.54 -0.34 7.50
CA ARG B 300 -17.91 -0.58 6.22
C ARG B 300 -18.26 0.52 5.25
N LEU B 301 -19.53 0.92 5.18
CA LEU B 301 -19.93 1.99 4.29
C LEU B 301 -19.11 3.22 4.65
N GLU B 302 -18.68 3.23 5.90
CA GLU B 302 -17.89 4.31 6.43
C GLU B 302 -16.42 4.21 5.99
N ASP B 303 -15.93 2.97 5.88
CA ASP B 303 -14.57 2.73 5.43
C ASP B 303 -14.52 3.04 3.94
N LEU B 304 -15.66 2.80 3.27
CA LEU B 304 -15.76 3.02 1.85
C LEU B 304 -15.70 4.50 1.53
N SER B 305 -16.39 5.33 2.29
CA SER B 305 -16.37 6.74 1.99
C SER B 305 -14.99 7.33 2.22
N LYS B 306 -14.17 6.65 3.02
CA LYS B 306 -12.82 7.15 3.28
C LYS B 306 -12.01 7.04 2.00
N ASP B 307 -11.82 5.79 1.56
CA ASP B 307 -11.07 5.48 0.35
C ASP B 307 -11.87 4.48 -0.49
N PRO B 308 -12.71 4.99 -1.42
CA PRO B 308 -13.52 4.09 -2.26
C PRO B 308 -12.73 3.15 -3.13
N GLU B 309 -11.56 3.58 -3.56
CA GLU B 309 -10.76 2.72 -4.38
C GLU B 309 -10.31 1.50 -3.60
N LYS B 310 -10.06 1.69 -2.30
CA LYS B 310 -9.59 0.62 -1.41
C LYS B 310 -10.27 -0.71 -1.73
N PHE B 311 -11.58 -0.65 -1.97
CA PHE B 311 -12.35 -1.85 -2.25
C PHE B 311 -12.47 -2.18 -3.75
N ASN B 312 -12.26 -1.17 -4.60
CA ASN B 312 -12.33 -1.37 -6.05
C ASN B 312 -11.56 -2.61 -6.57
N ALA B 313 -10.28 -2.67 -6.24
CA ALA B 313 -9.42 -3.77 -6.65
C ALA B 313 -9.93 -5.15 -6.21
N ARG B 314 -10.12 -5.31 -4.91
CA ARG B 314 -10.59 -6.57 -4.38
C ARG B 314 -11.86 -6.96 -5.14
N MET B 315 -12.90 -6.12 -5.03
CA MET B 315 -14.18 -6.37 -5.69
C MET B 315 -13.95 -6.85 -7.17
N ALA B 316 -13.17 -6.05 -7.92
CA ALA B 316 -12.87 -6.28 -9.30
C ALA B 316 -12.40 -7.65 -9.56
N THR B 317 -11.34 -8.02 -8.85
CA THR B 317 -10.71 -9.34 -8.95
C THR B 317 -11.72 -10.42 -8.70
N MET B 318 -12.58 -10.22 -7.72
CA MET B 318 -13.58 -11.20 -7.40
C MET B 318 -14.66 -11.28 -8.47
N LEU B 319 -15.01 -10.16 -9.10
CA LEU B 319 -16.03 -10.17 -10.16
C LEU B 319 -15.40 -10.90 -11.34
N GLU B 320 -14.17 -10.57 -11.67
CA GLU B 320 -13.51 -11.25 -12.75
C GLU B 320 -13.38 -12.77 -12.49
N TYR B 321 -12.99 -13.19 -11.27
CA TYR B 321 -12.82 -14.60 -11.02
C TYR B 321 -14.13 -15.38 -11.27
N VAL B 322 -15.21 -14.85 -10.75
CA VAL B 322 -16.49 -15.54 -10.86
C VAL B 322 -17.02 -15.55 -12.30
N ARG B 323 -16.67 -14.51 -13.06
CA ARG B 323 -17.08 -14.39 -14.47
C ARG B 323 -16.38 -15.54 -15.20
N TYR B 324 -15.04 -15.41 -15.30
CA TYR B 324 -14.14 -16.37 -15.95
C TYR B 324 -14.25 -17.81 -15.47
N THR B 325 -14.68 -18.01 -14.24
CA THR B 325 -14.74 -19.36 -13.70
C THR B 325 -16.12 -20.00 -13.78
N HIS B 326 -17.16 -19.23 -13.54
CA HIS B 326 -18.49 -19.81 -13.58
C HIS B 326 -19.31 -19.28 -14.75
N GLY B 327 -18.69 -18.54 -15.66
CA GLY B 327 -19.45 -18.02 -16.77
C GLY B 327 -20.61 -17.20 -16.24
N ILE B 328 -20.24 -16.13 -15.53
CA ILE B 328 -21.22 -15.21 -14.99
C ILE B 328 -21.14 -14.01 -15.90
N VAL B 329 -22.28 -13.60 -16.43
CA VAL B 329 -22.27 -12.43 -17.32
C VAL B 329 -23.13 -11.32 -16.78
N PHE B 330 -22.46 -10.17 -16.60
CA PHE B 330 -23.06 -8.98 -16.05
C PHE B 330 -23.76 -8.18 -17.11
N ASP B 331 -24.99 -8.61 -17.38
CA ASP B 331 -25.87 -7.98 -18.37
C ASP B 331 -26.69 -6.86 -17.72
N GLY B 332 -26.69 -6.79 -16.40
CA GLY B 332 -27.48 -5.77 -15.76
C GLY B 332 -28.93 -6.03 -16.11
N LYS B 333 -29.21 -7.30 -16.42
CA LYS B 333 -30.56 -7.79 -16.76
C LYS B 333 -31.40 -7.48 -15.54
N ARG B 334 -31.67 -6.19 -15.40
CA ARG B 334 -32.43 -5.68 -14.28
C ARG B 334 -32.02 -6.40 -13.01
N ASN B 335 -32.98 -6.80 -12.20
CA ASN B 335 -32.63 -7.48 -10.97
C ASN B 335 -33.19 -8.88 -10.72
N ASN B 336 -34.52 -9.05 -10.80
CA ASN B 336 -35.17 -10.33 -10.50
C ASN B 336 -34.99 -10.48 -8.99
N MET B 337 -34.41 -9.41 -8.40
CA MET B 337 -34.05 -9.24 -6.99
C MET B 337 -33.82 -7.73 -6.65
N PRO B 338 -33.35 -7.44 -5.43
CA PRO B 338 -32.99 -8.40 -4.37
C PRO B 338 -34.29 -9.14 -3.93
N MET B 339 -34.18 -10.17 -3.09
CA MET B 339 -35.37 -10.84 -2.58
C MET B 339 -36.04 -9.79 -1.69
N LYS B 340 -37.36 -9.85 -1.53
CA LYS B 340 -38.04 -8.86 -0.70
C LYS B 340 -37.63 -9.09 0.75
N CYS B 341 -37.37 -7.99 1.45
CA CYS B 341 -36.96 -8.04 2.84
C CYS B 341 -37.86 -7.13 3.71
N ILE B 342 -38.60 -7.76 4.64
CA ILE B 342 -39.52 -7.07 5.55
C ILE B 342 -38.95 -7.04 6.96
N ILE B 343 -38.84 -5.86 7.55
CA ILE B 343 -38.29 -5.83 8.91
C ILE B 343 -39.26 -5.46 10.03
N ASP B 344 -39.32 -6.30 11.05
CA ASP B 344 -40.14 -5.97 12.21
C ASP B 344 -39.09 -5.29 13.07
N GLU B 345 -38.99 -3.98 12.92
CA GLU B 345 -37.98 -3.26 13.65
C GLU B 345 -38.16 -3.44 15.15
N ASN B 346 -39.40 -3.56 15.61
CA ASN B 346 -39.61 -3.70 17.04
C ASN B 346 -39.15 -5.03 17.60
N ASN B 347 -39.30 -6.08 16.78
CA ASN B 347 -38.93 -7.42 17.21
C ASN B 347 -37.58 -7.92 16.75
N ARG B 348 -36.88 -7.13 15.92
CA ARG B 348 -35.55 -7.53 15.44
C ARG B 348 -35.56 -8.78 14.56
N ILE B 349 -36.58 -8.91 13.72
CA ILE B 349 -36.63 -10.05 12.84
C ILE B 349 -36.91 -9.61 11.44
N VAL B 350 -36.04 -10.00 10.52
CA VAL B 350 -36.21 -9.67 9.13
C VAL B 350 -36.67 -10.96 8.43
N THR B 351 -37.76 -10.85 7.69
CA THR B 351 -38.32 -11.99 6.96
C THR B 351 -37.94 -11.86 5.50
N VAL B 352 -37.13 -12.79 5.05
CA VAL B 352 -36.66 -12.76 3.68
C VAL B 352 -37.48 -13.78 2.91
N THR B 353 -38.04 -13.33 1.80
CA THR B 353 -38.86 -14.16 0.94
C THR B 353 -37.94 -14.94 0.00
N THR B 354 -37.80 -16.23 0.24
CA THR B 354 -36.91 -17.05 -0.56
C THR B 354 -37.53 -18.13 -1.42
N LYS B 355 -38.80 -18.47 -1.18
CA LYS B 355 -39.48 -19.52 -1.94
C LYS B 355 -39.24 -19.36 -3.43
N ASP B 356 -38.99 -18.12 -3.80
CA ASP B 356 -38.72 -17.72 -5.15
C ASP B 356 -37.46 -18.36 -5.71
N TYR B 357 -36.64 -18.94 -4.84
CA TYR B 357 -35.37 -19.56 -5.25
C TYR B 357 -35.08 -20.97 -4.74
N PHE B 358 -35.13 -21.17 -3.42
CA PHE B 358 -34.84 -22.49 -2.85
C PHE B 358 -36.06 -23.24 -2.29
N SER B 359 -35.79 -24.44 -1.81
CA SER B 359 -36.85 -25.25 -1.28
C SER B 359 -37.68 -24.50 -0.23
N PHE B 360 -37.03 -23.86 0.73
CA PHE B 360 -37.76 -23.19 1.79
C PHE B 360 -38.49 -21.90 1.39
N LYS B 361 -39.74 -21.81 1.87
CA LYS B 361 -40.66 -20.68 1.64
C LYS B 361 -39.96 -19.34 1.87
N LYS B 362 -39.68 -19.07 3.14
CA LYS B 362 -39.03 -17.84 3.51
C LYS B 362 -37.96 -18.05 4.58
N CYS B 363 -37.29 -16.95 4.92
CA CYS B 363 -36.25 -17.02 5.93
C CYS B 363 -36.45 -15.99 7.03
N LEU B 364 -36.41 -16.46 8.26
CA LEU B 364 -36.52 -15.55 9.38
C LEU B 364 -35.13 -15.30 9.90
N VAL B 365 -34.70 -14.04 9.78
CA VAL B 365 -33.38 -13.66 10.23
C VAL B 365 -33.46 -12.87 11.55
N TYR B 366 -32.95 -13.47 12.62
CA TYR B 366 -32.90 -12.86 13.93
C TYR B 366 -31.72 -11.89 14.04
N LEU B 367 -31.96 -10.70 14.60
CA LEU B 367 -30.88 -9.72 14.76
C LEU B 367 -30.12 -9.95 16.07
N ASP B 368 -30.68 -10.82 16.92
CA ASP B 368 -30.14 -11.17 18.24
C ASP B 368 -29.88 -12.66 18.35
N GLU B 369 -28.61 -13.05 18.44
CA GLU B 369 -28.25 -14.46 18.52
C GLU B 369 -28.97 -15.24 19.63
N ASN B 370 -28.91 -14.71 20.86
CA ASN B 370 -29.56 -15.33 22.01
C ASN B 370 -31.00 -15.69 21.69
N VAL B 371 -31.73 -14.74 21.10
CA VAL B 371 -33.12 -14.96 20.73
C VAL B 371 -33.29 -16.02 19.63
N LEU B 372 -32.19 -16.49 19.06
CA LEU B 372 -32.32 -17.50 18.01
C LEU B 372 -32.37 -18.89 18.68
N SER B 373 -31.44 -19.19 19.57
CA SER B 373 -31.47 -20.49 20.23
C SER B 373 -32.70 -20.55 21.11
N SER B 374 -33.06 -19.42 21.70
CA SER B 374 -34.24 -19.34 22.54
C SER B 374 -35.42 -19.90 21.73
N ASP B 375 -35.81 -19.20 20.67
CA ASP B 375 -36.93 -19.60 19.81
C ASP B 375 -36.64 -20.78 18.89
N ILE B 376 -35.40 -21.27 18.86
CA ILE B 376 -35.03 -22.37 17.98
C ILE B 376 -35.26 -23.75 18.56
N LEU B 377 -35.66 -23.80 19.83
CA LEU B 377 -35.96 -25.08 20.49
C LEU B 377 -37.48 -25.25 20.51
N ASP B 378 -38.19 -24.13 20.32
CA ASP B 378 -39.65 -24.13 20.31
C ASP B 378 -40.11 -24.82 19.04
N LEU B 379 -39.17 -25.46 18.37
CA LEU B 379 -39.44 -26.17 17.13
C LEU B 379 -39.15 -27.64 17.32
N ASN B 380 -38.18 -27.91 18.20
CA ASN B 380 -37.78 -29.28 18.53
C ASN B 380 -36.97 -29.94 17.40
N ALA B 381 -37.56 -30.04 16.20
CA ALA B 381 -36.86 -30.66 15.07
C ALA B 381 -35.51 -30.00 14.92
N ASP B 382 -34.48 -30.68 15.42
CA ASP B 382 -33.12 -30.15 15.36
C ASP B 382 -32.18 -30.91 14.43
N THR B 383 -31.80 -30.23 13.35
CA THR B 383 -30.89 -30.72 12.33
C THR B 383 -30.34 -29.41 11.74
N SER B 384 -29.70 -28.66 12.63
CA SER B 384 -29.12 -27.36 12.31
C SER B 384 -27.63 -27.45 11.92
N CYS B 385 -27.12 -26.34 11.37
CA CYS B 385 -25.73 -26.25 10.96
C CYS B 385 -25.10 -25.05 11.60
N ASP B 386 -23.90 -25.25 12.13
CA ASP B 386 -23.16 -24.17 12.77
C ASP B 386 -21.89 -24.04 11.94
N PHE B 387 -21.69 -22.89 11.32
CA PHE B 387 -20.49 -22.74 10.52
C PHE B 387 -19.53 -21.76 11.20
N GLU B 388 -19.64 -21.70 12.52
CA GLU B 388 -18.80 -20.85 13.36
C GLU B 388 -18.55 -19.42 12.77
N SER B 389 -17.29 -19.03 12.65
CA SER B 389 -16.92 -17.72 12.14
C SER B 389 -17.00 -17.63 10.63
N VAL B 390 -17.15 -18.76 9.96
CA VAL B 390 -17.26 -18.73 8.50
C VAL B 390 -18.56 -18.10 7.99
N THR B 391 -19.68 -18.34 8.72
CA THR B 391 -20.99 -17.79 8.38
C THR B 391 -21.37 -16.91 9.54
N ASN B 392 -20.70 -17.14 10.67
CA ASN B 392 -20.90 -16.37 11.88
C ASN B 392 -22.35 -16.41 12.29
N SER B 393 -22.99 -17.51 11.97
CA SER B 393 -24.39 -17.73 12.30
C SER B 393 -24.70 -19.18 12.20
N VAL B 394 -25.88 -19.55 12.66
CA VAL B 394 -26.32 -20.93 12.60
C VAL B 394 -27.50 -20.89 11.63
N TYR B 395 -27.76 -22.01 10.97
CA TYR B 395 -28.87 -22.10 10.02
C TYR B 395 -29.71 -23.33 10.34
N LEU B 396 -31.02 -23.17 10.27
CA LEU B 396 -31.92 -24.28 10.53
C LEU B 396 -33.08 -24.25 9.58
N ILE B 397 -33.27 -25.32 8.83
CA ILE B 397 -34.40 -25.41 7.91
C ILE B 397 -35.48 -26.23 8.64
N HIS B 398 -36.71 -25.72 8.66
CA HIS B 398 -37.81 -26.39 9.36
C HIS B 398 -39.15 -25.85 8.88
N ASP B 399 -40.10 -26.74 8.60
CA ASP B 399 -41.43 -26.34 8.12
C ASP B 399 -41.31 -25.77 6.71
N ASN B 400 -40.21 -26.06 6.03
CA ASN B 400 -40.00 -25.51 4.69
C ASN B 400 -39.75 -24.03 4.93
N ILE B 401 -39.13 -23.75 6.08
CA ILE B 401 -38.79 -22.39 6.51
C ILE B 401 -37.32 -22.41 6.95
N MET B 402 -36.67 -21.25 6.96
CA MET B 402 -35.27 -21.20 7.39
C MET B 402 -35.07 -20.21 8.52
N TYR B 403 -34.33 -20.65 9.52
CA TYR B 403 -34.05 -19.78 10.64
C TYR B 403 -32.55 -19.53 10.73
N THR B 404 -32.15 -18.26 10.63
CA THR B 404 -30.74 -17.93 10.70
C THR B 404 -30.54 -16.58 11.40
N TYR B 405 -29.30 -16.24 11.75
CA TYR B 405 -28.98 -14.99 12.46
C TYR B 405 -28.03 -14.12 11.62
N PHE B 406 -28.27 -12.81 11.60
CA PHE B 406 -27.45 -11.87 10.82
C PHE B 406 -26.71 -11.00 11.80
N SER B 407 -25.38 -11.04 11.78
CA SER B 407 -24.53 -10.27 12.68
C SER B 407 -23.97 -8.90 12.31
N ASN B 408 -24.67 -8.14 11.47
CA ASN B 408 -24.21 -6.79 11.06
C ASN B 408 -25.33 -5.81 11.20
N THR B 409 -25.03 -4.54 11.02
CA THR B 409 -26.08 -3.55 11.17
C THR B 409 -27.07 -3.60 10.03
N ILE B 410 -28.38 -3.64 10.30
CA ILE B 410 -29.34 -3.59 9.20
C ILE B 410 -29.55 -2.12 8.87
N LEU B 411 -29.45 -1.79 7.58
CA LEU B 411 -29.63 -0.42 7.12
C LEU B 411 -31.03 -0.24 6.59
N LEU B 412 -31.56 0.98 6.72
CA LEU B 412 -32.90 1.30 6.25
C LEU B 412 -32.88 2.56 5.39
N SER B 413 -33.48 2.45 4.21
CA SER B 413 -33.54 3.55 3.25
C SER B 413 -34.64 4.51 3.64
N ASP B 414 -35.55 4.02 4.47
CA ASP B 414 -36.68 4.78 4.99
C ASP B 414 -37.32 4.01 6.12
N LYS B 415 -38.06 4.70 6.98
CA LYS B 415 -38.66 4.06 8.14
C LYS B 415 -39.36 2.77 7.79
N GLY B 416 -38.94 1.71 8.47
CA GLY B 416 -39.52 0.39 8.24
C GLY B 416 -39.16 -0.23 6.89
N LYS B 417 -38.10 0.27 6.26
CA LYS B 417 -37.67 -0.26 4.95
C LYS B 417 -36.19 -0.63 4.87
N VAL B 418 -35.95 -1.92 4.67
CA VAL B 418 -34.59 -2.43 4.58
C VAL B 418 -33.94 -1.74 3.38
N HIS B 419 -32.67 -1.40 3.51
CA HIS B 419 -31.97 -0.73 2.43
C HIS B 419 -31.42 -1.77 1.49
N GLU B 420 -31.37 -1.42 0.20
CA GLU B 420 -30.89 -2.35 -0.81
C GLU B 420 -29.64 -3.07 -0.32
N ILE B 421 -28.67 -2.29 0.15
CA ILE B 421 -27.42 -2.83 0.62
C ILE B 421 -27.61 -3.96 1.63
N SER B 422 -28.44 -3.73 2.64
CA SER B 422 -28.65 -4.78 3.63
C SER B 422 -29.48 -5.88 2.96
N ALA B 423 -30.44 -5.45 2.14
CA ALA B 423 -31.28 -6.38 1.43
C ALA B 423 -30.36 -7.40 0.76
N ARG B 424 -29.31 -6.89 0.09
CA ARG B 424 -28.33 -7.72 -0.62
C ARG B 424 -27.42 -8.53 0.29
N GLY B 425 -26.99 -7.94 1.39
CA GLY B 425 -26.17 -8.65 2.37
C GLY B 425 -26.96 -9.81 2.95
N LEU B 426 -28.28 -9.60 3.12
CA LEU B 426 -29.20 -10.64 3.62
C LEU B 426 -29.28 -11.82 2.66
N CYS B 427 -29.29 -11.53 1.37
CA CYS B 427 -29.32 -12.57 0.34
C CYS B 427 -28.01 -13.32 0.37
N ALA B 428 -26.92 -12.58 0.37
CA ALA B 428 -25.59 -13.19 0.41
C ALA B 428 -25.43 -14.16 1.58
N HIS B 429 -25.86 -13.69 2.77
CA HIS B 429 -25.79 -14.48 3.98
C HIS B 429 -26.42 -15.82 3.78
N ILE B 430 -27.62 -15.81 3.18
CA ILE B 430 -28.37 -17.03 2.89
C ILE B 430 -27.62 -17.88 1.87
N LEU B 431 -26.99 -17.21 0.90
CA LEU B 431 -26.22 -17.92 -0.12
C LEU B 431 -24.99 -18.61 0.41
N LEU B 432 -24.42 -18.09 1.50
CA LEU B 432 -23.23 -18.71 2.12
C LEU B 432 -23.59 -20.12 2.58
N TYR B 433 -24.81 -20.27 3.09
CA TYR B 433 -25.32 -21.58 3.52
C TYR B 433 -25.35 -22.55 2.31
N GLN B 434 -25.88 -22.04 1.20
CA GLN B 434 -26.00 -22.80 -0.03
C GLN B 434 -24.64 -23.33 -0.49
N MET B 435 -23.60 -22.50 -0.45
CA MET B 435 -22.30 -22.97 -0.89
C MET B 435 -21.70 -24.01 0.06
N LEU B 436 -21.95 -23.87 1.36
CA LEU B 436 -21.39 -24.79 2.33
C LEU B 436 -22.09 -26.13 2.34
N THR B 437 -23.26 -26.16 1.72
CA THR B 437 -24.03 -27.38 1.68
C THR B 437 -24.13 -28.01 0.29
N SER B 438 -23.66 -27.30 -0.73
CA SER B 438 -23.67 -27.79 -2.11
C SER B 438 -24.97 -27.57 -2.85
N GLY B 439 -25.83 -26.68 -2.35
CA GLY B 439 -27.09 -26.40 -3.02
C GLY B 439 -26.92 -25.48 -4.21
N GLU B 440 -27.99 -25.27 -4.94
CA GLU B 440 -27.94 -24.40 -6.11
C GLU B 440 -27.70 -22.99 -5.61
N TYR B 441 -26.86 -22.22 -6.32
CA TYR B 441 -26.59 -20.83 -5.93
C TYR B 441 -26.12 -19.98 -7.10
N LYS B 442 -25.74 -20.64 -8.19
CA LYS B 442 -25.25 -19.96 -9.36
C LYS B 442 -26.21 -18.93 -9.95
N GLN B 443 -27.48 -19.30 -10.10
CA GLN B 443 -28.45 -18.38 -10.66
C GLN B 443 -28.69 -17.25 -9.72
N CYS B 444 -29.04 -17.57 -8.49
CA CYS B 444 -29.30 -16.54 -7.50
C CYS B 444 -28.14 -15.55 -7.36
N LEU B 445 -26.90 -16.05 -7.36
CA LEU B 445 -25.70 -15.21 -7.26
C LEU B 445 -25.66 -14.20 -8.38
N SER B 446 -25.97 -14.65 -9.59
CA SER B 446 -25.99 -13.77 -10.74
C SER B 446 -27.04 -12.65 -10.60
N ASP B 447 -28.26 -13.02 -10.24
CA ASP B 447 -29.34 -12.06 -10.07
C ASP B 447 -28.82 -11.10 -9.01
N LEU B 448 -28.22 -11.67 -7.99
CA LEU B 448 -27.68 -10.87 -6.91
C LEU B 448 -26.61 -9.92 -7.40
N LEU B 449 -25.69 -10.42 -8.21
CA LEU B 449 -24.62 -9.55 -8.72
C LEU B 449 -25.09 -8.46 -9.67
N ASN B 450 -26.05 -8.81 -10.51
CA ASN B 450 -26.58 -7.83 -11.44
C ASN B 450 -27.48 -6.81 -10.77
N SER B 451 -28.19 -7.22 -9.73
CA SER B 451 -29.08 -6.29 -9.03
C SER B 451 -28.27 -5.10 -8.48
N MET B 452 -26.94 -5.21 -8.53
CA MET B 452 -26.04 -4.14 -8.03
C MET B 452 -25.58 -3.11 -9.04
N MET B 453 -25.88 -3.32 -10.32
CA MET B 453 -25.47 -2.41 -11.39
C MET B 453 -26.41 -1.22 -11.65
N ASN B 454 -25.82 -0.06 -11.90
CA ASN B 454 -26.59 1.13 -12.20
C ASN B 454 -27.61 1.43 -11.14
N ARG B 455 -27.13 1.51 -9.91
CA ARG B 455 -27.98 1.84 -8.78
C ARG B 455 -27.75 3.28 -8.41
N ASP B 456 -28.83 3.97 -8.05
CA ASP B 456 -28.73 5.38 -7.65
C ASP B 456 -28.20 5.29 -6.24
N LYS B 457 -27.68 6.39 -5.72
CA LYS B 457 -27.18 6.37 -4.36
C LYS B 457 -28.33 6.59 -3.39
N ILE B 458 -28.70 5.56 -2.66
CA ILE B 458 -29.78 5.66 -1.68
C ILE B 458 -29.17 5.92 -0.30
N PRO B 459 -29.54 7.05 0.34
CA PRO B 459 -29.04 7.41 1.67
C PRO B 459 -29.67 6.56 2.76
N ILE B 460 -28.98 6.55 3.89
CA ILE B 460 -29.39 5.73 5.01
C ILE B 460 -30.37 6.50 5.86
N TYR B 461 -31.58 5.99 5.94
CA TYR B 461 -32.60 6.67 6.74
C TYR B 461 -32.28 6.53 8.22
N SER B 462 -31.92 5.29 8.59
CA SER B 462 -31.59 4.91 9.94
C SER B 462 -31.07 3.47 9.92
N HIS B 463 -30.60 2.98 11.07
CA HIS B 463 -30.14 1.60 11.17
C HIS B 463 -30.25 0.97 12.56
N THR B 464 -30.15 -0.37 12.58
CA THR B 464 -30.23 -1.17 13.79
C THR B 464 -28.84 -1.39 14.38
N GLU B 465 -28.79 -1.87 15.62
CA GLU B 465 -27.55 -2.12 16.34
C GLU B 465 -27.27 -3.61 16.44
N ARG B 466 -26.00 -3.99 16.34
CA ARG B 466 -25.64 -5.40 16.44
C ARG B 466 -26.01 -5.81 17.86
N ASP B 467 -26.30 -7.08 18.09
CA ASP B 467 -26.69 -7.49 19.43
C ASP B 467 -25.49 -7.67 20.33
N LYS B 468 -25.60 -7.19 21.57
CA LYS B 468 -24.54 -7.29 22.56
C LYS B 468 -24.22 -8.74 22.90
N LYS B 469 -22.96 -9.00 23.27
CA LYS B 469 -22.54 -10.37 23.63
C LYS B 469 -21.48 -10.40 24.72
N PRO B 470 -21.89 -10.53 26.00
CA PRO B 470 -20.90 -10.58 27.07
C PRO B 470 -20.13 -11.90 26.98
N GLY B 471 -19.13 -12.08 27.84
CA GLY B 471 -18.36 -13.32 27.82
C GLY B 471 -17.13 -13.28 28.70
N ARG B 472 -16.10 -14.06 28.36
CA ARG B 472 -14.88 -14.09 29.15
C ARG B 472 -13.63 -13.62 28.38
N HIS B 473 -13.29 -12.34 28.55
CA HIS B 473 -12.14 -11.72 27.89
C HIS B 473 -10.79 -12.27 28.40
N GLY B 474 -10.76 -13.55 28.76
CA GLY B 474 -9.55 -14.17 29.29
C GLY B 474 -8.29 -14.15 28.43
N PHE B 475 -7.14 -14.41 29.04
CA PHE B 475 -5.91 -14.42 28.28
C PHE B 475 -4.67 -15.01 28.92
N ILE B 476 -3.93 -15.74 28.11
CA ILE B 476 -2.72 -16.38 28.55
C ILE B 476 -1.61 -15.37 28.61
N ASN B 477 -0.91 -15.35 29.71
CA ASN B 477 0.17 -14.42 29.82
C ASN B 477 1.43 -15.23 29.88
N ILE B 478 2.31 -14.99 28.93
CA ILE B 478 3.56 -15.70 28.86
C ILE B 478 4.26 -15.95 30.21
N GLU B 479 4.55 -14.90 30.99
CA GLU B 479 5.26 -15.08 32.27
C GLU B 479 4.47 -14.89 33.56
N LYS B 480 3.26 -14.37 33.46
CA LYS B 480 2.40 -14.13 34.63
C LYS B 480 1.65 -15.40 35.07
N ASP B 481 1.89 -16.50 34.34
CA ASP B 481 1.25 -17.80 34.59
C ASP B 481 -0.26 -17.75 34.83
N ILE B 482 -0.92 -16.97 33.97
CA ILE B 482 -2.37 -16.80 34.01
C ILE B 482 -2.99 -17.39 32.73
N ILE B 483 -4.09 -18.10 32.91
CA ILE B 483 -4.86 -18.65 31.80
C ILE B 483 -6.27 -18.22 32.14
N VAL B 484 -6.60 -16.96 31.85
CA VAL B 484 -7.95 -16.48 32.15
C VAL B 484 -8.79 -17.23 31.12
N PHE B 485 -9.24 -18.43 31.47
CA PHE B 485 -10.02 -19.28 30.59
C PHE B 485 -9.27 -19.67 29.31
#